data_1CDE
#
_entry.id   1CDE
#
_cell.length_a   76.700
_cell.length_b   72.600
_cell.length_c   57.000
_cell.angle_alpha   111.50
_cell.angle_beta   82.80
_cell.angle_gamma   62.60
#
_symmetry.space_group_name_H-M   'P 1'
#
loop_
_entity.id
_entity.type
_entity.pdbx_description
1 polymer 'PHOSPHORIBOSYL-GLYCINAMIDE FORMYLTRANSFERASE'
2 non-polymer 'GLYCINAMIDE RIBONUCLEOTIDE'
3 non-polymer '5-DEAZAFOLIC ACID'
#
_entity_poly.entity_id   1
_entity_poly.type   'polypeptide(L)'
_entity_poly.pdbx_seq_one_letter_code
;MNIVVLISGNGSNLQAIIDACKTNKIKGTVRAVFSNKADAFGLERARQAGIATHTLIASAFDSREAYDRELIHEIDMYAP
DVVVLAGFMRILSPAFVSHYAGRLLNIHPSLLPKYPGLHTHRQALENGDEEHGTSVHFVTDELDGGPVILQAKVPVFAGD
SEDDITARVQTQEHAIYPLVISWFADGRLKMHENAAWLDGQRLPPQGYAADE
;
_entity_poly.pdbx_strand_id   A,B,C,D
#
loop_
_chem_comp.id
_chem_comp.type
_chem_comp.name
_chem_comp.formula
DZF non-polymer '5-DEAZAFOLIC ACID' 'C20 H20 N6 O6'
GAR non-polymer 'GLYCINAMIDE RIBONUCLEOTIDE' 'C7 H13 N2 O8 P -2'
#
# COMPACT_ATOMS: atom_id res chain seq x y z
N MET A 1 -26.55 35.01 -35.99
CA MET A 1 -26.62 34.29 -37.24
C MET A 1 -27.33 32.96 -37.09
N ASN A 2 -28.35 32.77 -37.93
CA ASN A 2 -29.18 31.55 -37.94
C ASN A 2 -28.76 30.47 -38.92
N ILE A 3 -28.49 29.35 -38.31
CA ILE A 3 -28.01 28.21 -39.06
C ILE A 3 -29.11 27.18 -39.06
N VAL A 4 -29.55 26.57 -40.19
CA VAL A 4 -30.34 25.34 -40.00
C VAL A 4 -29.59 24.14 -40.67
N VAL A 5 -29.62 23.02 -40.00
CA VAL A 5 -28.97 21.83 -40.50
C VAL A 5 -29.91 20.67 -40.82
N LEU A 6 -29.63 20.16 -42.00
CA LEU A 6 -30.35 19.01 -42.56
C LEU A 6 -29.61 17.70 -42.35
N ILE A 7 -30.23 16.74 -41.70
CA ILE A 7 -29.66 15.44 -41.48
C ILE A 7 -30.49 14.26 -42.02
N SER A 8 -29.89 13.08 -42.23
CA SER A 8 -30.68 11.89 -42.49
C SER A 8 -30.42 10.82 -41.47
N GLY A 9 -29.53 11.01 -40.48
CA GLY A 9 -29.15 9.91 -39.62
C GLY A 9 -28.56 10.17 -38.23
N ASN A 10 -27.31 9.78 -37.93
CA ASN A 10 -26.89 9.75 -36.52
C ASN A 10 -26.72 11.08 -35.82
N GLY A 11 -26.28 12.08 -36.57
CA GLY A 11 -26.12 13.42 -36.06
C GLY A 11 -24.85 13.74 -35.28
N SER A 12 -23.74 13.06 -35.53
CA SER A 12 -22.51 13.40 -34.84
C SER A 12 -21.90 14.70 -35.36
N ASN A 13 -21.95 15.03 -36.64
CA ASN A 13 -21.51 16.35 -37.13
C ASN A 13 -22.39 17.53 -36.64
N LEU A 14 -23.70 17.32 -36.60
CA LEU A 14 -24.72 18.21 -36.00
C LEU A 14 -24.30 18.50 -34.54
N GLN A 15 -24.03 17.45 -33.76
CA GLN A 15 -23.64 17.63 -32.40
C GLN A 15 -22.44 18.53 -32.25
N ALA A 16 -21.44 18.37 -33.09
CA ALA A 16 -20.26 19.25 -33.03
C ALA A 16 -20.61 20.70 -33.32
N ILE A 17 -21.49 20.94 -34.31
CA ILE A 17 -21.96 22.29 -34.61
C ILE A 17 -22.69 22.85 -33.37
N ILE A 18 -23.60 22.11 -32.75
CA ILE A 18 -24.29 22.57 -31.55
C ILE A 18 -23.30 22.93 -30.44
N ASP A 19 -22.38 22.06 -30.11
CA ASP A 19 -21.37 22.38 -29.12
C ASP A 19 -20.47 23.57 -29.43
N ALA A 20 -20.15 23.84 -30.66
CA ALA A 20 -19.30 24.97 -30.97
C ALA A 20 -20.05 26.29 -30.80
N CYS A 21 -21.32 26.22 -31.17
CA CYS A 21 -22.27 27.35 -31.09
C CYS A 21 -22.43 27.69 -29.62
N LYS A 22 -22.67 26.66 -28.81
CA LYS A 22 -22.79 26.77 -27.37
C LYS A 22 -21.57 27.39 -26.72
N THR A 23 -20.36 27.14 -27.21
CA THR A 23 -19.22 27.73 -26.56
C THR A 23 -18.70 28.95 -27.23
N ASN A 24 -19.53 29.40 -28.13
CA ASN A 24 -19.30 30.57 -28.95
C ASN A 24 -18.07 30.51 -29.81
N LYS A 25 -17.65 29.27 -30.12
CA LYS A 25 -16.57 29.16 -31.11
C LYS A 25 -17.22 29.50 -32.44
N ILE A 26 -18.53 29.22 -32.65
CA ILE A 26 -19.28 29.75 -33.84
C ILE A 26 -20.15 30.96 -33.35
N LYS A 27 -19.97 32.23 -33.80
CA LYS A 27 -20.79 33.36 -33.34
C LYS A 27 -22.20 33.31 -34.00
N GLY A 28 -22.97 32.34 -33.57
CA GLY A 28 -24.23 32.06 -34.22
C GLY A 28 -24.95 30.86 -33.61
N THR A 29 -26.13 30.44 -34.06
CA THR A 29 -26.87 29.39 -33.32
C THR A 29 -27.75 28.49 -34.22
N VAL A 30 -27.98 27.22 -33.90
CA VAL A 30 -28.76 26.33 -34.73
C VAL A 30 -30.23 26.53 -34.36
N ARG A 31 -31.00 27.11 -35.27
CA ARG A 31 -32.42 27.33 -35.06
C ARG A 31 -33.38 26.14 -35.28
N ALA A 32 -33.08 25.32 -36.25
CA ALA A 32 -33.87 24.17 -36.59
C ALA A 32 -33.07 23.03 -37.23
N VAL A 33 -33.43 21.79 -36.96
CA VAL A 33 -32.83 20.60 -37.59
C VAL A 33 -33.93 19.88 -38.39
N PHE A 34 -33.70 19.73 -39.69
CA PHE A 34 -34.64 19.00 -40.57
C PHE A 34 -34.18 17.59 -40.94
N SER A 35 -35.00 16.55 -40.86
CA SER A 35 -34.65 15.22 -41.29
C SER A 35 -35.59 14.69 -42.34
N ASN A 36 -35.16 13.89 -43.29
CA ASN A 36 -36.10 13.15 -44.16
C ASN A 36 -36.39 11.70 -43.72
N LYS A 37 -35.97 11.41 -42.52
CA LYS A 37 -35.95 10.10 -41.96
C LYS A 37 -36.58 10.23 -40.61
N ALA A 38 -37.66 9.54 -40.32
CA ALA A 38 -38.27 9.74 -39.01
C ALA A 38 -37.52 9.12 -37.84
N ASP A 39 -36.70 8.16 -38.16
CA ASP A 39 -35.92 7.54 -37.11
C ASP A 39 -34.51 8.17 -36.93
N ALA A 40 -34.19 9.35 -37.48
CA ALA A 40 -32.82 9.82 -37.40
C ALA A 40 -32.40 10.15 -35.98
N PHE A 41 -31.34 9.53 -35.46
CA PHE A 41 -30.99 9.87 -34.08
C PHE A 41 -30.62 11.34 -33.88
N GLY A 42 -30.14 12.04 -34.91
CA GLY A 42 -29.79 13.44 -34.80
C GLY A 42 -30.92 14.35 -34.30
N LEU A 43 -32.15 13.94 -34.60
CA LEU A 43 -33.35 14.63 -34.14
C LEU A 43 -33.42 14.51 -32.64
N GLU A 44 -33.06 13.40 -32.01
CA GLU A 44 -33.04 13.32 -30.54
C GLU A 44 -31.92 14.18 -29.96
N ARG A 45 -30.76 14.29 -30.61
CA ARG A 45 -29.70 15.21 -30.22
C ARG A 45 -30.17 16.65 -30.29
N ALA A 46 -30.88 17.08 -31.34
CA ALA A 46 -31.47 18.44 -31.46
C ALA A 46 -32.47 18.72 -30.34
N ARG A 47 -33.34 17.74 -30.16
CA ARG A 47 -34.37 17.77 -29.12
C ARG A 47 -33.77 17.92 -27.75
N GLN A 48 -32.84 17.09 -27.34
CA GLN A 48 -32.19 17.28 -26.03
C GLN A 48 -31.53 18.66 -25.92
N ALA A 49 -31.04 19.29 -26.98
CA ALA A 49 -30.44 20.60 -26.89
C ALA A 49 -31.42 21.76 -27.02
N GLY A 50 -32.69 21.40 -27.10
CA GLY A 50 -33.74 22.39 -27.22
C GLY A 50 -33.89 23.05 -28.58
N ILE A 51 -33.42 22.44 -29.66
CA ILE A 51 -33.62 22.99 -31.00
C ILE A 51 -34.90 22.42 -31.64
N ALA A 52 -35.55 23.19 -32.47
CA ALA A 52 -36.72 22.73 -33.21
C ALA A 52 -36.42 21.65 -34.23
N THR A 53 -37.23 20.63 -34.13
CA THR A 53 -37.16 19.45 -34.97
C THR A 53 -38.21 19.31 -36.06
N HIS A 54 -37.87 18.93 -37.28
CA HIS A 54 -38.86 18.74 -38.31
C HIS A 54 -38.60 17.60 -39.26
N THR A 55 -39.48 16.62 -39.34
CA THR A 55 -39.34 15.49 -40.24
C THR A 55 -40.18 15.66 -41.46
N LEU A 56 -39.64 15.53 -42.64
CA LEU A 56 -40.41 15.74 -43.83
C LEU A 56 -40.17 14.54 -44.77
N ILE A 57 -41.01 13.53 -44.66
CA ILE A 57 -41.01 12.29 -45.45
C ILE A 57 -41.42 12.44 -46.93
N ALA A 58 -40.56 12.11 -47.89
CA ALA A 58 -40.88 12.31 -49.29
C ALA A 58 -41.82 11.33 -49.92
N SER A 59 -42.17 10.26 -49.23
CA SER A 59 -43.19 9.33 -49.72
C SER A 59 -44.46 10.08 -50.16
N ALA A 60 -44.80 10.97 -49.21
CA ALA A 60 -45.89 11.94 -49.23
C ALA A 60 -45.97 12.97 -50.36
N PHE A 61 -44.87 13.23 -51.06
CA PHE A 61 -44.83 14.32 -52.01
C PHE A 61 -45.02 14.17 -53.52
N ASP A 62 -45.16 12.97 -54.10
CA ASP A 62 -45.37 12.75 -55.55
C ASP A 62 -44.34 13.30 -56.57
N SER A 63 -43.43 14.21 -56.18
CA SER A 63 -42.46 14.82 -57.09
C SER A 63 -41.23 15.43 -56.46
N ARG A 64 -40.05 15.37 -57.05
CA ARG A 64 -38.85 15.88 -56.40
C ARG A 64 -38.90 17.40 -56.13
N GLU A 65 -39.35 18.05 -57.16
CA GLU A 65 -39.50 19.48 -57.23
C GLU A 65 -40.53 19.91 -56.18
N ALA A 66 -41.51 19.08 -55.96
CA ALA A 66 -42.51 19.31 -54.96
C ALA A 66 -42.07 19.20 -53.52
N TYR A 67 -41.30 18.13 -53.25
CA TYR A 67 -40.76 17.94 -51.91
C TYR A 67 -39.85 19.12 -51.54
N ASP A 68 -39.00 19.50 -52.47
CA ASP A 68 -38.12 20.60 -52.25
C ASP A 68 -38.81 21.91 -52.08
N ARG A 69 -39.96 22.17 -52.69
CA ARG A 69 -40.63 23.43 -52.35
C ARG A 69 -41.25 23.43 -50.97
N GLU A 70 -41.80 22.33 -50.44
CA GLU A 70 -42.21 22.38 -49.05
C GLU A 70 -41.04 22.59 -48.10
N LEU A 71 -39.92 21.93 -48.38
CA LEU A 71 -38.71 22.03 -47.57
C LEU A 71 -38.25 23.48 -47.65
N ILE A 72 -38.13 24.14 -48.78
CA ILE A 72 -37.80 25.57 -48.79
C ILE A 72 -38.77 26.34 -47.91
N HIS A 73 -40.07 26.09 -48.06
CA HIS A 73 -41.12 26.79 -47.30
C HIS A 73 -40.90 26.73 -45.79
N GLU A 74 -40.63 25.57 -45.25
CA GLU A 74 -40.40 25.37 -43.83
C GLU A 74 -39.08 25.89 -43.27
N ILE A 75 -38.04 25.86 -44.09
CA ILE A 75 -36.72 26.27 -43.66
C ILE A 75 -36.73 27.78 -43.45
N ASP A 76 -37.33 28.44 -44.44
CA ASP A 76 -37.39 29.87 -44.40
C ASP A 76 -38.23 30.44 -43.24
N MET A 77 -39.06 29.70 -42.52
CA MET A 77 -39.62 30.21 -41.29
C MET A 77 -38.52 30.56 -40.26
N TYR A 78 -37.37 29.90 -40.33
CA TYR A 78 -36.31 30.11 -39.36
C TYR A 78 -35.34 31.14 -39.83
N ALA A 79 -35.62 31.68 -41.00
CA ALA A 79 -34.78 32.66 -41.62
C ALA A 79 -33.27 32.40 -41.56
N PRO A 80 -32.80 31.35 -42.27
CA PRO A 80 -31.44 30.87 -42.17
C PRO A 80 -30.44 31.79 -42.85
N ASP A 81 -29.31 32.06 -42.20
CA ASP A 81 -28.22 32.75 -42.87
C ASP A 81 -27.33 31.83 -43.69
N VAL A 82 -27.27 30.60 -43.22
CA VAL A 82 -26.56 29.52 -43.86
C VAL A 82 -27.39 28.28 -43.62
N VAL A 83 -27.62 27.41 -44.63
CA VAL A 83 -28.15 26.08 -44.35
C VAL A 83 -27.05 25.05 -44.62
N VAL A 84 -26.90 24.16 -43.64
CA VAL A 84 -25.88 23.18 -43.73
C VAL A 84 -26.33 21.73 -43.76
N LEU A 85 -25.91 21.10 -44.85
CA LEU A 85 -26.07 19.67 -45.03
C LEU A 85 -25.03 18.85 -44.19
N ALA A 86 -25.50 18.00 -43.29
CA ALA A 86 -24.62 17.21 -42.47
C ALA A 86 -25.17 15.81 -42.36
N GLY A 87 -24.87 15.03 -43.41
CA GLY A 87 -25.38 13.67 -43.57
C GLY A 87 -26.72 13.58 -44.31
N PHE A 88 -27.07 14.53 -45.19
CA PHE A 88 -28.40 14.53 -45.76
C PHE A 88 -28.40 13.70 -47.02
N MET A 89 -29.05 12.55 -47.04
CA MET A 89 -29.03 11.69 -48.20
C MET A 89 -30.03 11.95 -49.36
N ARG A 90 -30.02 13.08 -50.05
CA ARG A 90 -30.91 13.35 -51.14
C ARG A 90 -30.33 14.32 -52.12
N ILE A 91 -30.50 14.16 -53.40
CA ILE A 91 -30.04 15.16 -54.32
C ILE A 91 -31.06 16.28 -54.22
N LEU A 92 -30.56 17.49 -54.13
CA LEU A 92 -31.42 18.65 -54.07
C LEU A 92 -31.49 19.20 -55.46
N SER A 93 -32.69 19.58 -55.78
CA SER A 93 -33.00 20.05 -57.10
C SER A 93 -32.49 21.43 -57.36
N PRO A 94 -32.27 21.79 -58.62
CA PRO A 94 -31.80 23.08 -59.07
C PRO A 94 -32.39 24.32 -58.46
N ALA A 95 -33.64 24.15 -58.09
CA ALA A 95 -34.40 25.23 -57.45
C ALA A 95 -33.96 25.45 -56.02
N PHE A 96 -33.79 24.37 -55.27
CA PHE A 96 -33.32 24.42 -53.90
C PHE A 96 -31.92 25.05 -53.87
N VAL A 97 -31.08 24.47 -54.70
CA VAL A 97 -29.70 24.91 -54.78
C VAL A 97 -29.70 26.35 -55.24
N SER A 98 -30.52 26.71 -56.19
CA SER A 98 -30.58 28.11 -56.65
C SER A 98 -31.05 29.08 -55.57
N HIS A 99 -31.86 28.57 -54.66
CA HIS A 99 -32.49 29.41 -53.65
C HIS A 99 -31.51 29.70 -52.53
N TYR A 100 -30.79 28.68 -52.12
CA TYR A 100 -29.80 28.88 -51.09
C TYR A 100 -28.38 29.11 -51.66
N ALA A 101 -28.32 29.58 -52.91
CA ALA A 101 -27.06 29.85 -53.57
C ALA A 101 -26.08 30.68 -52.76
N GLY A 102 -24.92 30.16 -52.37
CA GLY A 102 -23.97 31.00 -51.60
C GLY A 102 -23.95 30.76 -50.09
N ARG A 103 -25.05 30.14 -49.65
CA ARG A 103 -25.21 29.86 -48.26
C ARG A 103 -25.61 28.44 -48.00
N LEU A 104 -25.32 27.59 -48.99
CA LEU A 104 -25.53 26.15 -48.86
C LEU A 104 -24.17 25.42 -48.85
N LEU A 105 -23.95 24.67 -47.77
CA LEU A 105 -22.71 23.98 -47.45
C LEU A 105 -22.86 22.48 -47.22
N ASN A 106 -21.86 21.66 -47.62
CA ASN A 106 -21.93 20.23 -47.38
C ASN A 106 -20.57 19.63 -47.02
N ILE A 107 -20.61 18.55 -46.25
CA ILE A 107 -19.43 17.79 -45.99
C ILE A 107 -19.52 16.42 -46.67
N HIS A 108 -18.56 16.16 -47.55
CA HIS A 108 -18.46 14.90 -48.32
C HIS A 108 -17.24 14.02 -47.91
N PRO A 109 -17.34 12.73 -47.57
CA PRO A 109 -16.22 11.96 -47.03
C PRO A 109 -15.22 11.39 -48.03
N SER A 110 -14.55 12.27 -48.77
CA SER A 110 -13.53 11.86 -49.74
C SER A 110 -12.63 13.04 -50.10
N LEU A 111 -11.40 12.82 -50.59
CA LEU A 111 -10.60 13.95 -50.97
C LEU A 111 -10.93 14.38 -52.39
N LEU A 112 -12.00 15.16 -52.49
CA LEU A 112 -12.45 15.67 -53.77
C LEU A 112 -11.38 16.32 -54.65
N PRO A 113 -11.36 16.02 -55.95
CA PRO A 113 -12.47 15.36 -56.66
C PRO A 113 -12.58 13.85 -56.62
N LYS A 114 -11.71 13.21 -55.88
CA LYS A 114 -11.68 11.79 -55.92
C LYS A 114 -12.89 10.96 -55.74
N TYR A 115 -13.72 10.85 -54.73
CA TYR A 115 -14.74 9.81 -54.88
C TYR A 115 -16.09 10.43 -54.72
N PRO A 116 -16.59 11.15 -55.72
CA PRO A 116 -17.71 12.08 -55.60
C PRO A 116 -19.09 11.43 -55.47
N GLY A 117 -19.28 10.24 -54.95
CA GLY A 117 -20.61 9.69 -54.82
C GLY A 117 -20.79 9.02 -53.50
N LEU A 118 -21.44 7.87 -53.45
CA LEU A 118 -21.65 7.15 -52.21
C LEU A 118 -20.60 6.04 -52.11
N HIS A 119 -20.50 5.37 -50.97
CA HIS A 119 -19.49 4.33 -50.77
C HIS A 119 -18.01 4.66 -50.83
N THR A 120 -17.66 5.96 -50.76
CA THR A 120 -16.29 6.50 -50.82
C THR A 120 -15.25 5.82 -49.93
N HIS A 121 -15.59 5.39 -48.69
CA HIS A 121 -14.64 4.67 -47.84
C HIS A 121 -14.26 3.32 -48.43
N ARG A 122 -15.28 2.57 -48.87
CA ARG A 122 -15.11 1.31 -49.58
C ARG A 122 -14.30 1.55 -50.85
N GLN A 123 -14.57 2.52 -51.70
CA GLN A 123 -13.63 2.86 -52.75
C GLN A 123 -12.18 3.09 -52.33
N ALA A 124 -11.94 3.88 -51.27
CA ALA A 124 -10.58 4.08 -50.79
C ALA A 124 -9.88 2.76 -50.42
N LEU A 125 -10.58 1.99 -49.64
CA LEU A 125 -10.11 0.70 -49.21
C LEU A 125 -9.83 -0.21 -50.43
N GLU A 126 -10.76 -0.33 -51.38
CA GLU A 126 -10.56 -1.24 -52.49
C GLU A 126 -9.53 -0.76 -53.48
N ASN A 127 -9.32 0.53 -53.65
CA ASN A 127 -8.27 0.97 -54.55
C ASN A 127 -6.87 0.98 -53.93
N GLY A 128 -6.81 0.49 -52.68
CA GLY A 128 -5.58 0.51 -51.88
C GLY A 128 -4.92 1.88 -51.73
N ASP A 129 -5.72 2.90 -51.41
CA ASP A 129 -5.16 4.24 -51.26
C ASP A 129 -4.48 4.34 -49.93
N GLU A 130 -3.40 5.12 -49.99
CA GLU A 130 -2.55 5.46 -48.84
C GLU A 130 -3.19 6.40 -47.80
N GLU A 131 -3.81 7.32 -48.46
CA GLU A 131 -4.41 8.48 -47.90
C GLU A 131 -5.92 8.55 -48.19
N HIS A 132 -6.75 8.72 -47.17
CA HIS A 132 -8.14 9.06 -47.41
C HIS A 132 -8.44 10.47 -46.86
N GLY A 133 -9.68 10.90 -46.63
CA GLY A 133 -9.96 12.27 -46.20
C GLY A 133 -11.43 12.65 -46.15
N THR A 134 -11.61 13.94 -45.98
CA THR A 134 -12.93 14.52 -46.00
C THR A 134 -12.94 15.91 -46.57
N SER A 135 -14.00 16.35 -47.23
CA SER A 135 -14.03 17.68 -47.85
C SER A 135 -15.27 18.51 -47.56
N VAL A 136 -15.04 19.75 -47.14
CA VAL A 136 -16.14 20.71 -46.97
C VAL A 136 -16.25 21.55 -48.22
N HIS A 137 -17.44 21.61 -48.82
CA HIS A 137 -17.57 22.39 -50.06
C HIS A 137 -18.88 23.18 -50.15
N PHE A 138 -18.95 24.19 -51.01
CA PHE A 138 -20.18 24.89 -51.32
C PHE A 138 -21.02 24.04 -52.25
N VAL A 139 -22.30 23.77 -51.98
CA VAL A 139 -23.14 22.94 -52.84
C VAL A 139 -23.58 23.67 -54.09
N THR A 140 -23.48 22.98 -55.20
CA THR A 140 -23.81 23.50 -56.52
C THR A 140 -24.69 22.45 -57.23
N ASP A 141 -25.23 22.74 -58.41
CA ASP A 141 -26.05 21.77 -59.14
C ASP A 141 -25.41 20.40 -59.34
N GLU A 142 -24.16 20.49 -59.84
CA GLU A 142 -23.19 19.41 -59.99
C GLU A 142 -22.99 18.59 -58.70
N LEU A 143 -23.43 17.33 -58.70
CA LEU A 143 -23.40 16.48 -57.51
C LEU A 143 -21.99 16.22 -56.97
N ASP A 144 -21.87 16.53 -55.67
CA ASP A 144 -20.58 16.62 -54.98
C ASP A 144 -19.46 17.38 -55.66
N GLY A 145 -19.78 18.32 -56.55
CA GLY A 145 -18.75 19.01 -57.28
C GLY A 145 -18.78 20.53 -57.17
N GLY A 146 -19.23 21.11 -56.05
CA GLY A 146 -19.13 22.57 -55.91
C GLY A 146 -17.76 22.94 -55.34
N PRO A 147 -17.28 24.21 -55.34
CA PRO A 147 -15.93 24.62 -54.87
C PRO A 147 -15.54 24.15 -53.48
N VAL A 148 -14.39 23.51 -53.34
CA VAL A 148 -13.94 22.94 -52.07
C VAL A 148 -13.31 24.05 -51.19
N ILE A 149 -13.59 23.95 -49.90
CA ILE A 149 -13.17 24.96 -48.96
C ILE A 149 -12.08 24.42 -48.03
N LEU A 150 -12.23 23.17 -47.63
CA LEU A 150 -11.26 22.64 -46.70
C LEU A 150 -11.34 21.12 -46.66
N GLN A 151 -10.17 20.49 -46.88
CA GLN A 151 -10.09 19.06 -46.74
C GLN A 151 -9.22 18.61 -45.56
N ALA A 152 -9.45 17.49 -44.93
CA ALA A 152 -8.52 17.00 -43.96
C ALA A 152 -8.13 15.57 -44.42
N LYS A 153 -6.85 15.23 -44.72
CA LYS A 153 -6.48 13.88 -45.12
C LYS A 153 -6.23 13.01 -43.92
N VAL A 154 -6.40 11.72 -44.10
CA VAL A 154 -6.30 10.69 -43.07
C VAL A 154 -5.46 9.53 -43.63
N PRO A 155 -4.66 8.75 -42.91
CA PRO A 155 -4.06 7.54 -43.41
C PRO A 155 -5.00 6.36 -43.47
N VAL A 156 -4.96 5.63 -44.55
CA VAL A 156 -5.62 4.33 -44.54
C VAL A 156 -4.46 3.32 -44.43
N PHE A 157 -4.59 2.44 -43.45
CA PHE A 157 -3.58 1.42 -43.24
C PHE A 157 -3.59 0.05 -43.94
N ALA A 158 -3.91 -1.05 -43.27
CA ALA A 158 -3.67 -2.35 -43.88
C ALA A 158 -4.74 -3.32 -43.42
N GLY A 159 -4.74 -3.61 -42.12
CA GLY A 159 -5.82 -4.40 -41.51
C GLY A 159 -7.00 -3.51 -41.08
N ASP A 160 -7.29 -2.60 -42.00
CA ASP A 160 -8.21 -1.52 -41.81
C ASP A 160 -9.54 -1.93 -42.37
N SER A 161 -10.56 -1.92 -41.54
CA SER A 161 -11.91 -2.16 -42.03
C SER A 161 -12.63 -0.88 -42.39
N GLU A 162 -13.73 -0.92 -43.15
CA GLU A 162 -14.51 0.28 -43.44
C GLU A 162 -14.88 1.09 -42.20
N ASP A 163 -15.10 0.43 -41.08
CA ASP A 163 -15.43 1.11 -39.86
C ASP A 163 -14.33 1.91 -39.25
N ASP A 164 -13.14 1.36 -39.40
CA ASP A 164 -11.96 2.06 -38.94
C ASP A 164 -11.70 3.30 -39.85
N ILE A 165 -11.73 3.22 -41.20
CA ILE A 165 -11.52 4.39 -42.03
C ILE A 165 -12.64 5.39 -41.73
N THR A 166 -13.86 4.89 -41.57
CA THR A 166 -15.02 5.73 -41.26
C THR A 166 -14.86 6.56 -39.99
N ALA A 167 -14.54 5.93 -38.88
CA ALA A 167 -14.42 6.65 -37.61
C ALA A 167 -13.23 7.59 -37.58
N ARG A 168 -12.18 7.23 -38.29
CA ARG A 168 -11.00 8.09 -38.38
C ARG A 168 -11.37 9.38 -39.15
N VAL A 169 -12.13 9.24 -40.24
CA VAL A 169 -12.54 10.37 -41.09
C VAL A 169 -13.51 11.22 -40.31
N GLN A 170 -14.48 10.62 -39.59
CA GLN A 170 -15.46 11.37 -38.83
C GLN A 170 -14.85 12.29 -37.79
N THR A 171 -13.79 11.84 -37.13
CA THR A 171 -12.99 12.69 -36.22
C THR A 171 -12.52 14.00 -36.80
N GLN A 172 -12.10 13.92 -38.04
CA GLN A 172 -11.66 15.14 -38.74
C GLN A 172 -12.82 16.01 -39.10
N GLU A 173 -13.94 15.40 -39.46
CA GLU A 173 -15.14 16.17 -39.81
C GLU A 173 -15.60 17.03 -38.63
N HIS A 174 -15.62 16.44 -37.47
CA HIS A 174 -15.98 17.11 -36.28
C HIS A 174 -15.06 18.26 -35.91
N ALA A 175 -13.95 18.38 -36.57
CA ALA A 175 -13.10 19.48 -36.29
C ALA A 175 -13.10 20.51 -37.37
N ILE A 176 -13.09 20.08 -38.63
CA ILE A 176 -13.06 21.06 -39.70
C ILE A 176 -14.44 21.55 -40.11
N TYR A 177 -15.60 20.90 -39.86
CA TYR A 177 -16.87 21.54 -40.25
C TYR A 177 -17.27 22.74 -39.36
N PRO A 178 -17.26 22.73 -38.01
CA PRO A 178 -17.44 23.89 -37.15
C PRO A 178 -16.51 24.98 -37.52
N LEU A 179 -15.28 24.63 -37.84
CA LEU A 179 -14.37 25.68 -38.26
C LEU A 179 -14.76 26.33 -39.55
N VAL A 180 -15.24 25.71 -40.65
CA VAL A 180 -15.56 26.55 -41.80
C VAL A 180 -16.90 27.25 -41.62
N ILE A 181 -17.82 26.73 -40.78
CA ILE A 181 -19.06 27.47 -40.51
C ILE A 181 -18.67 28.72 -39.73
N SER A 182 -17.74 28.73 -38.74
CA SER A 182 -17.32 30.01 -38.16
C SER A 182 -16.62 30.93 -39.15
N TRP A 183 -15.82 30.51 -40.12
CA TRP A 183 -15.34 31.49 -41.11
C TRP A 183 -16.52 32.08 -41.89
N PHE A 184 -17.57 31.31 -42.20
CA PHE A 184 -18.76 31.84 -42.88
C PHE A 184 -19.46 32.85 -41.95
N ALA A 185 -19.80 32.43 -40.72
CA ALA A 185 -20.43 33.28 -39.71
C ALA A 185 -19.64 34.57 -39.51
N ASP A 186 -18.31 34.60 -39.48
CA ASP A 186 -17.61 35.88 -39.37
C ASP A 186 -17.46 36.66 -40.65
N GLY A 187 -18.06 36.26 -41.74
CA GLY A 187 -18.00 37.08 -42.96
C GLY A 187 -16.72 36.99 -43.76
N ARG A 188 -15.94 35.96 -43.42
CA ARG A 188 -14.64 35.73 -44.03
C ARG A 188 -14.77 34.95 -45.33
N LEU A 189 -15.67 33.94 -45.31
CA LEU A 189 -15.89 33.03 -46.41
C LEU A 189 -17.07 33.37 -47.29
N LYS A 190 -16.80 33.44 -48.60
CA LYS A 190 -17.77 33.74 -49.64
C LYS A 190 -17.66 32.94 -50.94
N MET A 191 -18.71 32.52 -51.61
CA MET A 191 -18.58 32.06 -52.98
C MET A 191 -18.79 33.21 -53.99
N HIS A 192 -18.00 33.36 -55.07
CA HIS A 192 -18.32 34.30 -56.14
C HIS A 192 -18.08 33.39 -57.31
N GLU A 193 -19.26 32.91 -57.77
CA GLU A 193 -19.56 31.80 -58.71
C GLU A 193 -18.45 30.86 -59.21
N ASN A 194 -18.70 29.66 -58.69
CA ASN A 194 -17.75 28.55 -58.71
C ASN A 194 -16.44 28.79 -57.96
N ALA A 195 -16.08 29.97 -57.49
CA ALA A 195 -14.89 30.07 -56.64
C ALA A 195 -15.19 30.27 -55.18
N ALA A 196 -14.52 29.58 -54.26
CA ALA A 196 -14.65 29.88 -52.83
C ALA A 196 -13.60 30.96 -52.43
N TRP A 197 -13.88 31.96 -51.62
CA TRP A 197 -12.93 33.05 -51.37
C TRP A 197 -12.69 33.23 -49.91
N LEU A 198 -11.53 32.95 -49.32
CA LEU A 198 -11.32 33.16 -47.88
C LEU A 198 -10.54 34.43 -47.75
N ASP A 199 -10.94 35.31 -46.85
CA ASP A 199 -10.30 36.61 -46.63
C ASP A 199 -9.94 37.40 -47.90
N GLY A 200 -10.81 37.41 -48.90
CA GLY A 200 -10.55 38.13 -50.14
C GLY A 200 -9.67 37.35 -51.13
N GLN A 201 -9.06 36.27 -50.71
CA GLN A 201 -8.20 35.48 -51.53
C GLN A 201 -9.01 34.38 -52.22
N ARG A 202 -8.99 34.28 -53.55
CA ARG A 202 -9.57 33.13 -54.24
C ARG A 202 -8.90 31.82 -53.82
N LEU A 203 -9.57 30.84 -53.21
CA LEU A 203 -8.91 29.60 -52.77
C LEU A 203 -8.56 28.61 -53.90
N PRO A 204 -7.50 27.77 -53.81
CA PRO A 204 -7.16 26.80 -54.81
C PRO A 204 -8.11 25.62 -54.76
N PRO A 205 -8.19 24.81 -55.81
CA PRO A 205 -9.14 23.73 -55.94
C PRO A 205 -9.27 22.68 -54.86
N GLN A 206 -8.25 22.50 -54.08
CA GLN A 206 -8.30 21.49 -53.05
C GLN A 206 -8.55 22.15 -51.71
N GLY A 207 -8.89 23.42 -51.78
CA GLY A 207 -9.22 24.24 -50.64
C GLY A 207 -8.05 24.96 -50.03
N TYR A 208 -7.86 24.57 -48.79
CA TYR A 208 -6.88 25.08 -47.84
C TYR A 208 -7.32 26.45 -47.31
N ALA A 209 -7.02 26.38 -46.04
CA ALA A 209 -7.16 27.44 -45.08
C ALA A 209 -6.28 28.69 -45.12
N MET B 1 5.58 17.19 49.94
CA MET B 1 5.47 16.59 48.63
C MET B 1 4.91 15.18 48.70
N ASN B 2 3.84 14.97 47.94
CA ASN B 2 3.13 13.68 47.86
C ASN B 2 3.56 12.75 46.75
N ILE B 3 3.98 11.60 47.20
CA ILE B 3 4.51 10.61 46.31
C ILE B 3 3.51 9.46 46.29
N VAL B 4 3.02 8.93 45.14
CA VAL B 4 2.37 7.61 45.26
C VAL B 4 3.17 6.57 44.41
N VAL B 5 3.30 5.38 44.96
CA VAL B 5 4.01 4.32 44.29
C VAL B 5 3.15 3.11 43.94
N LEU B 6 3.38 2.74 42.68
CA LEU B 6 2.72 1.59 42.07
C LEU B 6 3.59 0.34 42.08
N ILE B 7 3.12 -0.73 42.68
CA ILE B 7 3.83 -1.98 42.71
C ILE B 7 3.07 -3.19 42.12
N SER B 8 3.76 -4.26 41.73
CA SER B 8 3.06 -5.51 41.41
C SER B 8 3.52 -6.63 42.30
N GLY B 9 4.47 -6.45 43.23
CA GLY B 9 5.03 -7.59 43.94
C GLY B 9 5.70 -7.40 45.30
N ASN B 10 7.00 -7.68 45.46
CA ASN B 10 7.55 -7.80 46.81
C ASN B 10 7.66 -6.54 47.63
N GLY B 11 7.94 -5.43 46.96
CA GLY B 11 8.02 -4.13 47.59
C GLY B 11 9.30 -3.77 48.29
N SER B 12 10.46 -4.31 47.89
CA SER B 12 11.70 -3.91 48.52
C SER B 12 12.14 -2.51 48.09
N ASN B 13 11.95 -2.06 46.85
CA ASN B 13 12.22 -0.67 46.47
C ASN B 13 11.27 0.36 47.15
N LEU B 14 9.99 0.02 47.28
CA LEU B 14 8.97 0.74 48.05
C LEU B 14 9.49 0.93 49.48
N GLN B 15 9.91 -0.16 50.12
CA GLN B 15 10.42 -0.08 51.47
C GLN B 15 11.53 0.93 51.61
N ALA B 16 12.46 0.96 50.68
CA ALA B 16 13.55 1.94 50.73
C ALA B 16 13.05 3.36 50.62
N ILE B 17 12.07 3.60 49.73
CA ILE B 17 11.45 4.92 49.63
C ILE B 17 10.78 5.28 50.97
N ILE B 18 10.00 4.40 51.58
CA ILE B 18 9.39 4.67 52.87
C ILE B 18 10.44 5.03 53.93
N ASP B 19 11.45 4.22 54.09
CA ASP B 19 12.52 4.54 55.03
C ASP B 19 13.27 5.85 54.77
N ALA B 20 13.45 6.27 53.55
CA ALA B 20 14.16 7.51 53.31
C ALA B 20 13.32 8.71 53.66
N CYS B 21 12.01 8.54 53.38
CA CYS B 21 10.98 9.56 53.67
C CYS B 21 10.92 9.75 55.18
N LYS B 22 10.85 8.63 55.88
CA LYS B 22 10.85 8.58 57.33
C LYS B 22 12.07 9.26 57.95
N THR B 23 13.23 9.18 57.34
CA THR B 23 14.38 9.82 57.95
C THR B 23 14.71 11.13 57.37
N ASN B 24 13.77 11.59 56.59
CA ASN B 24 13.82 12.85 55.88
C ASN B 24 14.96 13.00 54.92
N LYS B 25 15.47 11.84 54.46
CA LYS B 25 16.45 11.95 53.38
C LYS B 25 15.68 12.34 52.15
N ILE B 26 14.37 11.94 52.00
CA ILE B 26 13.48 12.51 50.95
C ILE B 26 12.55 13.58 51.63
N LYS B 27 12.57 14.89 51.30
CA LYS B 27 11.69 15.88 51.93
C LYS B 27 10.24 15.76 51.40
N GLY B 28 9.60 14.67 51.78
CA GLY B 28 8.32 14.32 51.21
C GLY B 28 7.77 13.02 51.75
N THR B 29 6.60 12.53 51.35
CA THR B 29 6.03 11.33 52.03
C THR B 29 5.16 10.43 51.12
N VAL B 30 5.08 9.13 51.32
CA VAL B 30 4.32 8.25 50.47
C VAL B 30 2.87 8.26 50.97
N ARG B 31 1.97 8.84 50.20
CA ARG B 31 0.56 8.90 50.53
C ARG B 31 -0.30 7.64 50.27
N ALA B 32 -0.01 6.95 49.20
CA ALA B 32 -0.72 5.76 48.80
C ALA B 32 0.12 4.78 47.99
N VAL B 33 -0.10 3.49 48.15
CA VAL B 33 0.55 2.43 47.36
C VAL B 33 -0.54 1.69 46.58
N PHE B 34 -0.43 1.68 45.26
CA PHE B 34 -1.35 0.95 44.39
C PHE B 34 -0.80 -0.37 43.83
N SER B 35 -1.51 -1.47 43.86
CA SER B 35 -1.08 -2.72 43.28
C SER B 35 -2.06 -3.24 42.26
N ASN B 36 -1.64 -3.90 41.19
CA ASN B 36 -2.58 -4.65 40.33
C ASN B 36 -2.70 -6.16 40.63
N LYS B 37 -2.14 -6.51 41.76
CA LYS B 37 -1.96 -7.86 42.19
C LYS B 37 -2.47 -7.93 43.58
N ALA B 38 -3.45 -8.74 43.88
CA ALA B 38 -3.96 -8.73 45.26
C ALA B 38 -3.05 -9.38 46.29
N ASP B 39 -2.18 -10.22 45.80
CA ASP B 39 -1.24 -10.86 46.72
C ASP B 39 0.11 -10.11 46.85
N ALA B 40 0.26 -8.85 46.40
CA ALA B 40 1.58 -8.27 46.42
C ALA B 40 2.09 -8.02 47.82
N PHE B 41 3.25 -8.57 48.19
CA PHE B 41 3.70 -8.34 49.58
C PHE B 41 3.94 -6.86 49.89
N GLY B 42 4.26 -6.02 48.91
CA GLY B 42 4.49 -4.61 49.13
C GLY B 42 3.32 -3.89 49.81
N LEU B 43 2.12 -4.37 49.57
CA LEU B 43 0.91 -3.86 50.20
C LEU B 43 0.98 -4.13 51.67
N GLU B 44 1.50 -5.25 52.16
CA GLU B 44 1.66 -5.47 53.60
C GLU B 44 2.73 -4.56 54.18
N ARG B 45 3.81 -4.27 53.46
CA ARG B 45 4.82 -3.29 53.85
C ARG B 45 4.21 -1.91 53.97
N ALA B 46 3.38 -1.44 53.03
CA ALA B 46 2.65 -0.16 53.11
C ALA B 46 1.74 -0.08 54.32
N ARG B 47 0.98 -1.16 54.48
CA ARG B 47 0.05 -1.32 55.58
C ARG B 47 0.76 -1.26 56.90
N GLN B 48 1.79 -2.02 57.16
CA GLN B 48 2.52 -1.89 58.41
C GLN B 48 3.06 -0.48 58.62
N ALA B 49 3.40 0.30 57.60
CA ALA B 49 3.88 1.65 57.78
C ALA B 49 2.79 2.71 57.85
N GLY B 50 1.56 2.23 57.83
CA GLY B 50 0.41 3.12 57.90
C GLY B 50 0.09 3.89 56.64
N ILE B 51 0.52 3.44 55.46
CA ILE B 51 0.13 4.09 54.20
C ILE B 51 -1.13 3.45 53.60
N ALA B 52 -1.93 4.23 52.92
CA ALA B 52 -3.10 3.73 52.23
C ALA B 52 -2.81 2.80 51.08
N THR B 53 -3.50 1.69 51.14
CA THR B 53 -3.41 0.60 50.18
C THR B 53 -4.52 0.47 49.17
N HIS B 54 -4.26 0.23 47.90
CA HIS B 54 -5.32 0.06 46.92
C HIS B 54 -5.03 -0.96 45.86
N THR B 55 -5.83 -2.01 45.74
CA THR B 55 -5.65 -3.03 44.72
C THR B 55 -6.62 -2.83 43.60
N LEU B 56 -6.18 -2.80 42.37
CA LEU B 56 -7.07 -2.54 41.27
C LEU B 56 -6.81 -3.61 40.19
N ILE B 57 -7.53 -4.72 40.27
CA ILE B 57 -7.48 -5.87 39.35
C ILE B 57 -8.03 -5.61 37.93
N ALA B 58 -7.24 -5.77 36.87
CA ALA B 58 -7.70 -5.46 35.54
C ALA B 58 -8.60 -6.47 34.89
N SER B 59 -8.78 -7.63 35.49
CA SER B 59 -9.76 -8.61 34.98
C SER B 59 -11.12 -7.96 34.73
N ALA B 60 -11.46 -7.20 35.78
CA ALA B 60 -12.63 -6.36 35.97
C ALA B 60 -12.90 -5.23 34.95
N PHE B 61 -11.90 -4.80 34.20
CA PHE B 61 -12.05 -3.63 33.35
C PHE B 61 -12.36 -3.64 31.87
N ASP B 62 -12.43 -4.78 31.17
CA ASP B 62 -12.76 -4.89 29.73
C ASP B 62 -11.88 -4.14 28.70
N SER B 63 -11.03 -3.18 29.10
CA SER B 63 -10.20 -2.40 28.18
C SER B 63 -8.97 -1.72 28.79
N ARG B 64 -7.85 -1.61 28.09
CA ARG B 64 -6.66 -1.05 28.71
C ARG B 64 -6.82 0.42 29.12
N GLU B 65 -7.42 1.13 28.21
CA GLU B 65 -7.71 2.53 28.30
C GLU B 65 -8.67 2.76 29.47
N ALA B 66 -9.55 1.81 29.67
CA ALA B 66 -10.48 1.84 30.77
C ALA B 66 -9.90 1.64 32.16
N TYR B 67 -9.02 0.63 32.25
CA TYR B 67 -8.34 0.36 33.53
C TYR B 67 -7.51 1.60 33.93
N ASP B 68 -6.79 2.14 32.99
CA ASP B 68 -6.00 3.30 33.24
C ASP B 68 -6.79 4.51 33.61
N ARG B 69 -8.01 4.71 33.11
CA ARG B 69 -8.76 5.86 33.64
C ARG B 69 -9.25 5.66 35.06
N GLU B 70 -9.66 4.48 35.51
CA GLU B 70 -9.94 4.35 36.92
C GLU B 70 -8.71 4.58 37.80
N LEU B 71 -7.56 4.06 37.37
CA LEU B 71 -6.30 4.21 38.08
C LEU B 71 -5.98 5.69 38.12
N ILE B 72 -6.04 6.49 37.05
CA ILE B 72 -5.83 7.93 37.16
C ILE B 72 -6.79 8.51 38.20
N HIS B 73 -8.08 8.14 38.13
CA HIS B 73 -9.10 8.66 39.04
C HIS B 73 -8.75 8.46 40.51
N GLU B 74 -8.33 7.30 40.91
CA GLU B 74 -7.95 6.98 42.26
C GLU B 74 -6.65 7.58 42.78
N ILE B 75 -5.68 7.73 41.88
CA ILE B 75 -4.37 8.24 42.24
C ILE B 75 -4.49 9.71 42.60
N ASP B 76 -5.25 10.39 41.74
CA ASP B 76 -5.44 11.80 41.94
C ASP B 76 -6.22 12.17 43.21
N MET B 77 -6.90 11.28 43.91
CA MET B 77 -7.41 11.62 45.23
C MET B 77 -6.26 11.99 46.20
N TYR B 78 -5.06 11.44 45.97
CA TYR B 78 -3.94 11.67 46.87
C TYR B 78 -3.11 12.83 46.43
N ALA B 79 -3.54 13.44 45.35
CA ALA B 79 -2.86 14.57 44.77
C ALA B 79 -1.34 14.45 44.69
N PRO B 80 -0.83 13.53 43.84
CA PRO B 80 0.58 13.19 43.78
C PRO B 80 1.42 14.27 43.13
N ASP B 81 2.57 14.58 43.70
CA ASP B 81 3.52 15.43 43.02
C ASP B 81 4.41 14.69 42.04
N VAL B 82 4.63 13.43 42.37
CA VAL B 82 5.39 12.51 41.58
C VAL B 82 4.69 11.16 41.75
N VAL B 83 4.47 10.38 40.67
CA VAL B 83 4.08 8.99 40.85
C VAL B 83 5.24 8.09 40.39
N VAL B 84 5.56 7.13 41.27
CA VAL B 84 6.66 6.28 40.98
C VAL B 84 6.35 4.80 40.84
N LEU B 85 6.72 4.32 39.66
CA LEU B 85 6.68 2.90 39.34
C LEU B 85 7.87 2.11 40.01
N ALA B 86 7.56 1.15 40.85
CA ALA B 86 8.57 0.38 41.51
C ALA B 86 8.17 -1.07 41.53
N GLY B 87 8.45 -1.71 40.38
CA GLY B 87 8.06 -3.10 40.12
C GLY B 87 6.67 -3.25 39.49
N PHE B 88 6.15 -2.26 38.74
CA PHE B 88 4.79 -2.34 38.28
C PHE B 88 4.75 -3.05 36.93
N MET B 89 4.22 -4.26 36.86
CA MET B 89 4.19 -4.98 35.61
C MET B 89 3.09 -4.72 34.56
N ARG B 90 2.93 -3.52 34.00
CA ARG B 90 1.91 -3.25 33.01
C ARG B 90 2.31 -2.15 32.10
N ILE B 91 2.05 -2.19 30.83
CA ILE B 91 2.33 -1.07 29.99
C ILE B 91 1.22 -0.07 30.29
N LEU B 92 1.62 1.17 30.46
CA LEU B 92 0.66 2.23 30.70
C LEU B 92 0.41 2.89 29.38
N SER B 93 -0.84 3.19 29.20
CA SER B 93 -1.31 3.74 27.97
C SER B 93 -0.95 5.19 27.81
N PRO B 94 -0.88 5.68 26.59
CA PRO B 94 -0.57 7.06 26.24
C PRO B 94 -1.23 8.16 27.03
N ALA B 95 -2.41 7.84 27.47
CA ALA B 95 -3.21 8.76 28.28
C ALA B 95 -2.67 8.89 29.68
N PHE B 96 -2.32 7.76 30.31
CA PHE B 96 -1.75 7.74 31.63
C PHE B 96 -0.42 8.49 31.61
N VAL B 97 0.40 8.08 30.66
CA VAL B 97 1.73 8.68 30.51
C VAL B 97 1.55 10.14 30.21
N SER B 98 0.62 10.51 29.37
CA SER B 98 0.38 11.93 29.07
C SER B 98 -0.08 12.74 30.28
N HIS B 99 -0.75 12.06 31.19
CA HIS B 99 -1.35 12.73 32.33
C HIS B 99 -0.33 13.01 33.39
N TYR B 100 0.53 12.03 33.64
CA TYR B 100 1.58 12.24 34.59
C TYR B 100 2.91 12.66 33.94
N ALA B 101 2.82 13.25 32.75
CA ALA B 101 4.00 13.71 32.02
C ALA B 101 4.96 14.55 32.83
N GLY B 102 6.20 14.12 33.07
CA GLY B 102 7.13 14.97 33.85
C GLY B 102 7.29 14.59 35.31
N ARG B 103 6.30 13.83 35.77
CA ARG B 103 6.30 13.40 37.14
C ARG B 103 6.05 11.92 37.27
N LEU B 104 6.34 11.21 36.19
CA LEU B 104 6.28 9.75 36.18
C LEU B 104 7.69 9.17 36.00
N LEU B 105 8.07 8.35 36.98
CA LEU B 105 9.40 7.76 37.13
C LEU B 105 9.40 6.23 37.21
N ASN B 106 10.43 5.57 36.65
CA ASN B 106 10.52 4.12 36.74
C ASN B 106 11.97 3.61 36.94
N ILE B 107 12.10 2.47 37.59
CA ILE B 107 13.36 1.81 37.68
C ILE B 107 13.33 0.52 36.85
N HIS B 108 14.23 0.44 35.88
CA HIS B 108 14.37 -0.72 34.99
C HIS B 108 15.71 -1.50 35.20
N PRO B 109 15.75 -2.83 35.41
CA PRO B 109 16.98 -3.54 35.77
C PRO B 109 17.94 -3.91 34.65
N SER B 110 18.46 -2.89 33.96
CA SER B 110 19.42 -3.10 32.88
C SER B 110 20.17 -1.81 32.56
N LEU B 111 21.36 -1.85 31.96
CA LEU B 111 22.01 -0.60 31.63
C LEU B 111 21.53 -0.09 30.29
N LEU B 112 20.38 0.59 30.37
CA LEU B 112 19.77 1.18 29.19
C LEU B 112 20.70 2.01 28.29
N PRO B 113 20.63 1.84 26.97
CA PRO B 113 19.52 1.15 26.28
C PRO B 113 19.56 -0.37 26.18
N LYS B 114 20.55 -0.99 26.78
CA LYS B 114 20.72 -2.39 26.58
C LYS B 114 19.59 -3.35 26.77
N TYR B 115 18.89 -3.64 27.83
CA TYR B 115 17.95 -4.76 27.66
C TYR B 115 16.57 -4.29 27.99
N PRO B 116 15.91 -3.54 27.11
CA PRO B 116 14.73 -2.75 27.41
C PRO B 116 13.44 -3.53 27.58
N GLY B 117 13.40 -4.79 27.99
CA GLY B 117 12.14 -5.48 28.17
C GLY B 117 12.15 -6.29 29.42
N LEU B 118 11.61 -7.49 29.40
CA LEU B 118 11.60 -8.35 30.58
C LEU B 118 12.73 -9.35 30.47
N HIS B 119 13.01 -10.11 31.52
CA HIS B 119 14.13 -11.06 31.53
C HIS B 119 15.56 -10.57 31.39
N THR B 120 15.78 -9.26 31.56
CA THR B 120 17.08 -8.58 31.45
C THR B 120 18.26 -9.23 32.20
N HIS B 121 18.07 -9.81 33.39
CA HIS B 121 19.16 -10.50 34.09
C HIS B 121 19.62 -11.76 33.33
N ARG B 122 18.62 -12.56 32.90
CA ARG B 122 18.86 -13.72 32.04
C ARG B 122 19.51 -13.28 30.75
N GLN B 123 19.09 -12.26 30.03
CA GLN B 123 19.89 -11.73 28.95
C GLN B 123 21.35 -11.39 29.28
N ALA B 124 21.60 -10.69 30.40
CA ALA B 124 22.98 -10.40 30.78
C ALA B 124 23.83 -11.66 30.95
N LEU B 125 23.26 -12.59 31.70
CA LEU B 125 23.89 -13.85 31.95
C LEU B 125 24.14 -14.60 30.63
N GLU B 126 23.15 -14.72 29.76
CA GLU B 126 23.34 -15.50 28.54
C GLU B 126 24.22 -14.82 27.52
N ASN B 127 24.29 -13.51 27.48
CA ASN B 127 25.22 -12.88 26.54
C ASN B 127 26.66 -12.79 27.05
N GLY B 128 26.89 -13.39 28.23
CA GLY B 128 28.17 -13.33 28.94
C GLY B 128 28.71 -11.91 29.17
N ASP B 129 27.86 -11.01 29.65
CA ASP B 129 28.29 -9.66 29.90
C ASP B 129 29.08 -9.60 31.18
N GLU B 130 30.07 -8.72 31.11
CA GLU B 130 30.98 -8.40 32.22
C GLU B 130 30.36 -7.64 33.40
N GLU B 131 29.60 -6.73 32.89
CA GLU B 131 28.94 -5.69 33.62
C GLU B 131 27.41 -5.75 33.46
N HIS B 132 26.67 -5.76 34.55
CA HIS B 132 25.24 -5.54 34.46
C HIS B 132 24.85 -4.23 35.17
N GLY B 133 23.60 -3.95 35.54
CA GLY B 133 23.23 -2.67 36.14
C GLY B 133 21.75 -2.45 36.33
N THR B 134 21.46 -1.21 36.65
CA THR B 134 20.10 -0.76 36.81
C THR B 134 19.92 0.67 36.38
N SER B 135 18.76 1.06 35.86
CA SER B 135 18.55 2.43 35.38
C SER B 135 17.28 3.10 35.86
N VAL B 136 17.43 4.31 36.39
CA VAL B 136 16.26 5.13 36.75
C VAL B 136 15.96 6.08 35.60
N HIS B 137 14.72 6.07 35.10
CA HIS B 137 14.40 6.96 33.97
C HIS B 137 13.03 7.61 34.06
N PHE B 138 12.79 8.68 33.32
CA PHE B 138 11.48 9.29 33.19
C PHE B 138 10.64 8.44 32.24
N VAL B 139 9.42 8.02 32.59
CA VAL B 139 8.57 7.19 31.72
C VAL B 139 7.96 8.00 30.58
N THR B 140 8.04 7.42 29.40
CA THR B 140 7.54 8.04 28.17
C THR B 140 6.70 6.98 27.43
N ASP B 141 6.04 7.32 26.34
CA ASP B 141 5.24 6.34 25.58
C ASP B 141 5.99 5.08 25.19
N GLU B 142 7.17 5.33 24.60
CA GLU B 142 8.23 4.38 24.26
C GLU B 142 8.61 3.46 25.43
N LEU B 143 8.29 2.18 25.34
CA LEU B 143 8.51 1.23 26.44
C LEU B 143 9.99 1.06 26.83
N ASP B 144 10.19 1.26 28.14
CA ASP B 144 11.51 1.41 28.73
C ASP B 144 12.50 2.33 28.04
N GLY B 145 12.01 3.32 27.28
CA GLY B 145 12.91 4.18 26.55
C GLY B 145 12.74 5.66 26.82
N GLY B 146 12.33 6.09 28.02
CA GLY B 146 12.32 7.53 28.31
C GLY B 146 13.69 7.99 28.81
N PRO B 147 14.06 9.29 28.90
CA PRO B 147 15.40 9.78 29.31
C PRO B 147 15.95 9.24 30.60
N VAL B 148 17.16 8.70 30.57
CA VAL B 148 17.78 8.06 31.74
C VAL B 148 18.37 9.13 32.68
N ILE B 149 18.22 8.88 33.97
CA ILE B 149 18.63 9.84 34.98
C ILE B 149 19.83 9.33 35.75
N LEU B 150 19.84 8.04 36.04
CA LEU B 150 20.93 7.52 36.83
C LEU B 150 21.01 6.00 36.71
N GLN B 151 22.21 5.51 36.34
CA GLN B 151 22.43 4.09 36.32
C GLN B 151 23.45 3.62 37.37
N ALA B 152 23.37 2.44 37.90
CA ALA B 152 24.43 1.94 38.74
C ALA B 152 24.91 0.62 38.09
N LYS B 153 26.18 0.44 37.67
CA LYS B 153 26.64 -0.82 37.10
C LYS B 153 27.07 -1.77 38.17
N VAL B 154 27.01 -3.06 37.87
CA VAL B 154 27.30 -4.17 38.78
C VAL B 154 28.19 -5.17 38.04
N PRO B 155 29.12 -5.94 38.61
CA PRO B 155 29.78 -7.02 37.93
C PRO B 155 28.96 -8.28 37.84
N VAL B 156 28.96 -8.89 36.68
CA VAL B 156 28.43 -10.25 36.61
C VAL B 156 29.68 -11.14 36.52
N PHE B 157 29.73 -12.12 37.41
CA PHE B 157 30.84 -13.05 37.43
C PHE B 157 30.89 -14.33 36.60
N ALA B 158 30.74 -15.52 37.17
CA ALA B 158 31.04 -16.73 36.41
C ALA B 158 30.12 -17.84 36.84
N GLY B 159 30.26 -18.26 38.11
CA GLY B 159 29.31 -19.21 38.71
C GLY B 159 28.10 -18.48 39.33
N ASP B 160 27.64 -17.53 38.54
CA ASP B 160 26.65 -16.56 38.92
C ASP B 160 25.32 -17.05 38.42
N SER B 161 24.39 -17.23 39.32
CA SER B 161 23.02 -17.56 38.92
C SER B 161 22.15 -16.33 38.76
N GLU B 162 21.01 -16.40 38.09
CA GLU B 162 20.08 -15.26 37.99
C GLU B 162 19.75 -14.62 39.32
N ASP B 163 19.70 -15.40 40.38
CA ASP B 163 19.42 -14.88 41.69
C ASP B 163 20.50 -14.04 42.29
N ASP B 164 21.71 -14.44 41.99
CA ASP B 164 22.85 -13.67 42.42
C ASP B 164 22.91 -12.34 41.63
N ILE B 165 22.78 -12.29 40.29
CA ILE B 165 22.79 -11.03 39.56
C ILE B 165 21.62 -10.18 40.06
N THR B 166 20.47 -10.81 40.27
CA THR B 166 19.27 -10.13 40.76
C THR B 166 19.47 -9.41 42.07
N ALA B 167 19.95 -10.11 43.10
CA ALA B 167 20.10 -9.51 44.42
C ALA B 167 21.20 -8.46 44.46
N ARG B 168 22.22 -8.64 43.63
CA ARG B 168 23.30 -7.65 43.52
C ARG B 168 22.74 -6.36 42.93
N VAL B 169 21.90 -6.46 41.90
CA VAL B 169 21.31 -5.30 41.20
C VAL B 169 20.34 -4.63 42.15
N GLN B 170 19.50 -5.40 42.87
CA GLN B 170 18.53 -4.82 43.78
C GLN B 170 19.15 -3.95 44.87
N THR B 171 20.29 -4.35 45.39
CA THR B 171 21.08 -3.52 46.31
C THR B 171 21.38 -2.12 45.84
N GLN B 172 21.70 -2.03 44.57
CA GLN B 172 21.96 -0.72 43.97
C GLN B 172 20.69 0.07 43.80
N GLU B 173 19.60 -0.61 43.46
CA GLU B 173 18.31 0.05 43.29
C GLU B 173 17.88 0.76 44.58
N HIS B 174 18.02 0.05 45.67
CA HIS B 174 17.71 0.56 46.95
C HIS B 174 18.54 1.76 47.37
N ALA B 175 19.57 2.05 46.64
CA ALA B 175 20.34 3.20 46.96
C ALA B 175 20.16 4.32 45.99
N ILE B 176 20.09 4.03 44.70
CA ILE B 176 19.92 5.09 43.73
C ILE B 176 18.49 5.49 43.49
N TYR B 177 17.42 4.70 43.77
CA TYR B 177 16.06 5.24 43.54
C TYR B 177 15.62 6.31 44.59
N PRO B 178 15.76 6.17 45.93
CA PRO B 178 15.55 7.22 46.90
C PRO B 178 16.34 8.41 46.58
N LEU B 179 17.56 8.24 46.13
CA LEU B 179 18.33 9.41 45.75
C LEU B 179 17.76 10.13 44.57
N VAL B 180 17.26 9.56 43.45
CA VAL B 180 16.75 10.48 42.43
C VAL B 180 15.38 11.02 42.79
N ILE B 181 14.58 10.34 43.63
CA ILE B 181 13.31 10.91 44.08
C ILE B 181 13.66 12.12 44.96
N SER B 182 14.66 12.12 45.86
CA SER B 182 15.01 13.38 46.54
C SER B 182 15.53 14.46 45.59
N TRP B 183 16.28 14.22 44.53
CA TRP B 183 16.56 15.33 43.61
C TRP B 183 15.28 15.87 43.00
N PHE B 184 14.28 15.03 42.69
CA PHE B 184 12.99 15.50 42.17
C PHE B 184 12.28 16.33 43.26
N ALA B 185 12.10 15.77 44.45
CA ALA B 185 11.49 16.45 45.59
C ALA B 185 12.16 17.79 45.86
N ASP B 186 13.49 17.96 45.78
CA ASP B 186 14.08 19.28 45.97
C ASP B 186 14.03 20.19 44.77
N GLY B 187 13.38 19.84 43.69
CA GLY B 187 13.25 20.78 42.56
C GLY B 187 14.46 20.88 41.67
N ARG B 188 15.36 19.92 41.83
CA ARG B 188 16.60 19.87 41.10
C ARG B 188 16.43 19.22 39.74
N LEU B 189 15.65 18.13 39.74
CA LEU B 189 15.41 17.31 38.56
C LEU B 189 14.13 17.61 37.81
N LYS B 190 14.28 17.84 36.51
CA LYS B 190 13.19 18.13 35.58
C LYS B 190 13.26 17.47 34.20
N MET B 191 12.19 17.02 33.57
CA MET B 191 12.25 16.71 32.16
C MET B 191 11.85 17.93 31.29
N HIS B 192 12.51 18.25 30.18
CA HIS B 192 12.01 19.25 29.24
C HIS B 192 12.23 18.49 27.96
N GLU B 193 11.05 17.94 27.55
CA GLU B 193 10.79 16.90 26.53
C GLU B 193 11.92 16.12 25.85
N ASN B 194 11.84 14.87 26.26
CA ASN B 194 12.88 13.87 26.05
C ASN B 194 14.22 14.16 26.70
N ALA B 195 14.52 15.33 27.27
CA ALA B 195 15.76 15.46 28.03
C ALA B 195 15.58 15.49 29.52
N ALA B 196 16.39 14.78 30.31
CA ALA B 196 16.36 14.93 31.77
C ALA B 196 17.33 16.06 32.19
N TRP B 197 17.03 16.95 33.12
CA TRP B 197 17.90 18.09 33.41
C TRP B 197 18.25 18.16 34.86
N LEU B 198 19.48 17.94 35.32
CA LEU B 198 19.80 18.04 36.76
C LEU B 198 20.46 19.37 36.95
N ASP B 199 20.07 20.12 37.97
CA ASP B 199 20.59 21.45 38.27
C ASP B 199 20.77 22.38 37.07
N GLY B 200 19.81 22.40 36.15
CA GLY B 200 19.90 23.25 34.96
C GLY B 200 20.75 22.67 33.83
N GLN B 201 21.50 21.62 34.10
CA GLN B 201 22.35 21.00 33.13
C GLN B 201 21.58 19.90 32.39
N ARG B 202 21.50 19.93 31.06
CA ARG B 202 20.97 18.80 30.31
C ARG B 202 21.79 17.53 30.54
N LEU B 203 21.27 16.43 31.08
CA LEU B 203 22.07 15.23 31.34
C LEU B 203 22.42 14.39 30.09
N PRO B 204 23.56 13.66 30.01
CA PRO B 204 23.91 12.83 28.88
C PRO B 204 23.07 11.56 28.88
N PRO B 205 22.97 10.86 27.77
CA PRO B 205 22.11 9.69 27.61
C PRO B 205 22.18 8.54 28.58
N GLN B 206 23.29 8.39 29.25
CA GLN B 206 23.41 7.29 30.17
C GLN B 206 23.23 7.78 31.58
N GLY B 207 22.76 9.02 31.67
CA GLY B 207 22.47 9.68 32.92
C GLY B 207 23.61 10.46 33.51
N TYR B 208 23.95 9.97 34.69
CA TYR B 208 24.96 10.48 35.59
C TYR B 208 24.44 11.74 36.30
N ALA B 209 24.86 11.59 37.53
CA ALA B 209 24.71 12.53 38.61
C ALA B 209 25.46 13.86 38.62
N MET C 1 24.58 -42.40 -2.50
CA MET C 1 24.83 -41.07 -1.98
C MET C 1 25.19 -41.10 -0.50
N ASN C 2 26.32 -40.50 -0.19
CA ASN C 2 26.87 -40.41 1.18
C ASN C 2 26.51 -39.17 1.97
N ILE C 3 25.86 -39.44 3.06
CA ILE C 3 25.37 -38.39 3.91
C ILE C 3 26.20 -38.43 5.18
N VAL C 4 26.79 -37.32 5.70
CA VAL C 4 27.24 -37.42 7.10
C VAL C 4 26.47 -36.36 7.95
N VAL C 5 26.08 -36.77 9.14
CA VAL C 5 25.36 -35.90 10.04
C VAL C 5 26.09 -35.57 11.33
N LEU C 6 26.05 -34.27 11.58
CA LEU C 6 26.63 -33.67 12.77
C LEU C 6 25.61 -33.42 13.88
N ILE C 7 25.83 -33.98 15.04
CA ILE C 7 24.96 -33.79 16.17
C ILE C 7 25.65 -33.22 17.43
N SER C 8 24.90 -32.63 18.37
CA SER C 8 25.46 -32.31 19.67
C SER C 8 24.71 -33.01 20.78
N GLY C 9 23.66 -33.78 20.52
CA GLY C 9 22.84 -34.29 21.61
C GLY C 9 21.97 -35.54 21.42
N ASN C 10 20.63 -35.46 21.52
CA ASN C 10 19.85 -36.69 21.66
C ASN C 10 19.78 -37.60 20.44
N GLY C 11 19.76 -36.99 19.27
CA GLY C 11 19.76 -37.72 18.02
C GLY C 11 18.43 -38.23 17.51
N SER C 12 17.30 -37.61 17.85
CA SER C 12 16.03 -38.06 17.32
C SER C 12 15.86 -37.70 15.84
N ASN C 13 16.32 -36.56 15.35
CA ASN C 13 16.31 -36.27 13.90
C ASN C 13 17.25 -37.18 13.08
N LEU C 14 18.43 -37.48 13.61
CA LEU C 14 19.40 -38.47 13.11
C LEU C 14 18.68 -39.81 12.95
N GLN C 15 18.00 -40.27 14.00
CA GLN C 15 17.29 -41.53 13.94
C GLN C 15 16.32 -41.58 12.78
N ALA C 16 15.57 -40.51 12.56
CA ALA C 16 14.63 -40.49 11.44
C ALA C 16 15.32 -40.60 10.09
N ILE C 17 16.46 -39.91 9.93
CA ILE C 17 17.27 -40.01 8.72
C ILE C 17 17.74 -41.47 8.56
N ILE C 18 18.28 -42.12 9.58
CA ILE C 18 18.70 -43.51 9.50
C ILE C 18 17.54 -44.42 9.07
N ASP C 19 16.40 -44.34 9.72
CA ASP C 19 15.24 -45.12 9.31
C ASP C 19 14.74 -44.87 7.90
N ALA C 20 14.83 -43.68 7.37
CA ALA C 20 14.34 -43.43 6.02
C ALA C 20 15.26 -44.03 4.99
N CYS C 21 16.56 -43.95 5.32
CA CYS C 21 17.65 -44.49 4.49
C CYS C 21 17.47 -46.01 4.43
N LYS C 22 17.28 -46.60 5.59
CA LYS C 22 17.02 -48.02 5.73
C LYS C 22 15.82 -48.50 4.93
N THR C 23 14.78 -47.70 4.80
CA THR C 23 13.64 -48.18 4.03
C THR C 23 13.58 -47.68 2.64
N ASN C 24 14.69 -47.11 2.28
CA ASN C 24 14.94 -46.51 0.98
C ASN C 24 14.01 -45.41 0.60
N LYS C 25 13.45 -44.77 1.63
CA LYS C 25 12.68 -43.56 1.32
C LYS C 25 13.70 -42.50 0.96
N ILE C 26 14.95 -42.54 1.52
CA ILE C 26 16.07 -41.70 1.03
C ILE C 26 17.01 -42.62 0.16
N LYS C 27 17.22 -42.40 -1.16
CA LYS C 27 18.11 -43.26 -1.97
C LYS C 27 19.58 -42.95 -1.67
N GLY C 28 20.01 -43.33 -0.48
CA GLY C 28 21.30 -42.94 0.02
C GLY C 28 21.58 -43.44 1.42
N THR C 29 22.73 -43.18 2.05
CA THR C 29 23.01 -43.83 3.36
C THR C 29 23.89 -42.99 4.32
N VAL C 30 23.75 -43.09 5.63
CA VAL C 30 24.53 -42.28 6.55
C VAL C 30 25.85 -43.01 6.78
N ARG C 31 26.95 -42.44 6.28
CA ARG C 31 28.27 -43.01 6.45
C ARG C 31 28.98 -42.77 7.81
N ALA C 32 28.80 -41.61 8.38
CA ALA C 32 29.40 -41.23 9.63
C ALA C 32 28.58 -40.20 10.42
N VAL C 33 28.59 -40.27 11.73
CA VAL C 33 27.96 -39.29 12.63
C VAL C 33 29.06 -38.62 13.47
N PHE C 34 29.16 -37.31 13.37
CA PHE C 34 30.13 -36.54 14.15
C PHE C 34 29.50 -35.77 15.33
N SER C 35 30.05 -35.83 16.55
CA SER C 35 29.56 -35.06 17.67
C SER C 35 30.62 -34.17 18.26
N ASN C 36 30.30 -32.99 18.77
CA ASN C 36 31.27 -32.22 19.58
C ASN C 36 31.14 -32.40 21.11
N LYS C 37 30.35 -33.39 21.45
CA LYS C 37 29.91 -33.65 22.78
C LYS C 37 30.18 -35.10 23.03
N ALA C 38 30.98 -35.47 24.01
CA ALA C 38 31.23 -36.90 24.16
C ALA C 38 30.08 -37.72 24.73
N ASP C 39 29.20 -37.03 25.40
CA ASP C 39 28.05 -37.71 25.96
C ASP C 39 26.81 -37.70 25.03
N ALA C 40 26.90 -37.34 23.73
CA ALA C 40 25.68 -37.21 22.96
C ALA C 40 24.98 -38.53 22.75
N PHE C 41 23.71 -38.66 23.14
CA PHE C 41 23.07 -39.98 22.94
C PHE C 41 22.98 -40.38 21.48
N GLY C 42 22.95 -39.44 20.53
CA GLY C 42 22.88 -39.75 19.11
C GLY C 42 23.98 -40.67 18.62
N LEU C 43 25.14 -40.59 19.26
CA LEU C 43 26.29 -41.45 18.97
C LEU C 43 25.93 -42.85 19.34
N GLU C 44 25.19 -43.15 20.40
CA GLU C 44 24.76 -44.52 20.68
C GLU C 44 23.73 -45.00 19.68
N ARG C 45 22.84 -44.14 19.18
CA ARG C 45 21.91 -44.47 18.09
C ARG C 45 22.68 -44.80 16.82
N ALA C 46 23.71 -44.05 16.43
CA ALA C 46 24.58 -44.36 15.27
C ALA C 46 25.28 -45.72 15.42
N ARG C 47 25.85 -45.88 16.60
CA ARG C 47 26.55 -47.10 16.97
C ARG C 47 25.63 -48.30 16.89
N GLN C 48 24.47 -48.31 17.51
CA GLN C 48 23.56 -49.44 17.37
C GLN C 48 23.20 -49.69 15.90
N ALA C 49 23.14 -48.70 15.03
CA ALA C 49 22.83 -48.92 13.63
C ALA C 49 24.02 -49.27 12.75
N GLY C 50 25.16 -49.40 13.40
CA GLY C 50 26.38 -49.73 12.70
C GLY C 50 27.03 -48.62 11.89
N ILE C 51 26.74 -47.35 12.20
CA ILE C 51 27.42 -46.24 11.52
C ILE C 51 28.67 -45.80 12.30
N ALA C 52 29.67 -45.32 11.60
CA ALA C 52 30.87 -44.78 12.22
C ALA C 52 30.64 -43.52 13.02
N THR C 53 31.17 -43.58 14.22
CA THR C 53 31.10 -42.52 15.20
C THR C 53 32.34 -41.69 15.44
N HIS C 54 32.27 -40.38 15.54
CA HIS C 54 33.45 -39.58 15.81
C HIS C 54 33.22 -38.39 16.69
N THR C 55 33.87 -38.30 17.83
CA THR C 55 33.74 -37.17 18.74
C THR C 55 34.90 -36.24 18.60
N LEU C 56 34.69 -34.97 18.42
CA LEU C 56 35.78 -34.06 18.24
C LEU C 56 35.56 -32.86 19.17
N ILE C 57 36.11 -32.94 20.38
CA ILE C 57 36.06 -31.93 21.44
C ILE C 57 36.88 -30.65 21.17
N ALA C 58 36.26 -29.47 21.14
CA ALA C 58 36.98 -28.25 20.81
C ALA C 58 37.83 -27.66 21.89
N SER C 59 37.75 -28.18 23.10
CA SER C 59 38.67 -27.74 24.18
C SER C 59 40.13 -27.77 23.71
N ALA C 60 40.37 -28.94 23.09
CA ALA C 60 41.60 -29.37 22.43
C ALA C 60 42.19 -28.52 21.30
N PHE C 61 41.40 -27.67 20.67
CA PHE C 61 41.84 -26.97 19.48
C PHE C 61 42.40 -25.56 19.43
N ASP C 62 42.45 -24.78 20.53
CA ASP C 62 42.98 -23.40 20.58
C ASP C 62 42.40 -22.32 19.64
N SER C 63 41.63 -22.67 18.60
CA SER C 63 41.09 -21.71 17.64
C SER C 63 39.88 -22.17 16.84
N ARG C 64 38.92 -21.32 16.52
CA ARG C 64 37.72 -21.78 15.82
C ARG C 64 38.00 -22.36 14.43
N GLU C 65 38.84 -21.62 13.76
CA GLU C 65 39.30 -21.88 12.42
C GLU C 65 40.06 -23.21 12.41
N ALA C 66 40.76 -23.46 13.49
CA ALA C 66 41.48 -24.69 13.68
C ALA C 66 40.65 -25.94 13.89
N TYR C 67 39.64 -25.80 14.76
CA TYR C 67 38.73 -26.92 15.01
C TYR C 67 38.02 -27.30 13.71
N ASP C 68 37.54 -26.31 12.99
CA ASP C 68 36.88 -26.54 11.75
C ASP C 68 37.76 -27.14 10.70
N ARG C 69 39.05 -26.87 10.65
CA ARG C 69 39.85 -27.60 9.66
C ARG C 69 40.07 -29.07 10.02
N GLU C 70 40.21 -29.46 11.29
CA GLU C 70 40.24 -30.88 11.55
C GLU C 70 38.92 -31.58 11.21
N LEU C 71 37.81 -30.92 11.51
CA LEU C 71 36.47 -31.42 11.23
C LEU C 71 36.35 -31.56 9.72
N ILE C 72 36.69 -30.57 8.88
CA ILE C 72 36.67 -30.79 7.44
C ILE C 72 37.50 -32.02 7.07
N HIS C 73 38.72 -32.12 7.62
CA HIS C 73 39.64 -33.24 7.32
C HIS C 73 39.01 -34.61 7.56
N GLU C 74 38.38 -34.81 8.68
CA GLU C 74 37.74 -36.07 9.03
C GLU C 74 36.46 -36.41 8.29
N ILE C 75 35.69 -35.39 7.92
CA ILE C 75 34.41 -35.58 7.26
C ILE C 75 34.67 -36.10 5.86
N ASP C 76 35.64 -35.43 5.23
CA ASP C 76 35.98 -35.78 3.88
C ASP C 76 36.58 -37.20 3.73
N MET C 77 37.01 -37.91 4.74
CA MET C 77 37.31 -39.33 4.58
C MET C 77 36.08 -40.13 4.13
N TYR C 78 34.87 -39.65 4.46
CA TYR C 78 33.66 -40.39 4.14
C TYR C 78 33.09 -39.94 2.84
N ALA C 79 33.77 -39.00 2.22
CA ALA C 79 33.35 -38.42 0.96
C ALA C 79 31.87 -38.09 0.85
N PRO C 80 31.39 -37.08 1.64
CA PRO C 80 29.99 -36.76 1.76
C PRO C 80 29.42 -36.09 0.53
N ASP C 81 28.24 -36.50 0.09
CA ASP C 81 27.53 -35.76 -0.95
C ASP C 81 26.74 -34.59 -0.41
N VAL C 82 26.30 -34.76 0.82
CA VAL C 82 25.57 -33.78 1.57
C VAL C 82 26.04 -33.93 3.01
N VAL C 83 26.34 -32.83 3.74
CA VAL C 83 26.49 -32.94 5.18
C VAL C 83 25.32 -32.22 5.86
N VAL C 84 24.74 -32.94 6.82
CA VAL C 84 23.60 -32.40 7.48
C VAL C 84 23.73 -32.18 8.98
N LEU C 85 23.50 -30.92 9.32
CA LEU C 85 23.40 -30.47 10.70
C LEU C 85 22.03 -30.86 11.35
N ALA C 86 22.06 -31.66 12.40
CA ALA C 86 20.85 -32.07 13.07
C ALA C 86 21.05 -32.02 14.55
N GLY C 87 20.89 -30.79 15.06
CA GLY C 87 21.13 -30.45 16.48
C GLY C 87 22.58 -30.05 16.79
N PHE C 88 23.34 -29.49 15.83
CA PHE C 88 24.73 -29.24 16.08
C PHE C 88 24.92 -27.87 16.69
N MET C 89 25.29 -27.76 17.95
CA MET C 89 25.42 -26.48 18.58
C MET C 89 26.71 -25.65 18.41
N ARG C 90 27.13 -25.23 17.22
CA ARG C 90 28.32 -24.45 17.04
C ARG C 90 28.24 -23.59 15.82
N ILE C 91 28.71 -22.38 15.82
CA ILE C 91 28.73 -21.61 14.61
C ILE C 91 29.88 -22.17 13.81
N LEU C 92 29.63 -22.40 12.53
CA LEU C 92 30.67 -22.89 11.66
C LEU C 92 31.22 -21.69 10.94
N SER C 93 32.52 -21.74 10.83
CA SER C 93 33.26 -20.65 10.26
C SER C 93 33.14 -20.58 8.77
N PRO C 94 33.35 -19.41 8.19
CA PRO C 94 33.28 -19.14 6.76
C PRO C 94 33.93 -20.12 5.82
N ALA C 95 34.98 -20.72 6.35
CA ALA C 95 35.73 -21.72 5.60
C ALA C 95 34.98 -23.03 5.49
N PHE C 96 34.39 -23.48 6.61
CA PHE C 96 33.60 -24.69 6.64
C PHE C 96 32.41 -24.53 5.69
N VAL C 97 31.72 -23.42 5.91
CA VAL C 97 30.53 -23.13 5.12
C VAL C 97 30.95 -22.98 3.69
N SER C 98 32.05 -22.35 3.40
CA SER C 98 32.52 -22.22 2.00
C SER C 98 32.87 -23.56 1.37
N HIS C 99 33.27 -24.50 2.19
CA HIS C 99 33.76 -25.78 1.71
C HIS C 99 32.62 -26.68 1.34
N TYR C 100 31.62 -26.70 2.20
CA TYR C 100 30.44 -27.49 1.90
C TYR C 100 29.32 -26.68 1.25
N ALA C 101 29.68 -25.58 0.61
CA ALA C 101 28.73 -24.72 -0.07
C ALA C 101 27.75 -25.43 -1.00
N GLY C 102 26.45 -25.44 -0.73
CA GLY C 102 25.52 -26.13 -1.65
C GLY C 102 25.06 -27.51 -1.21
N ARG C 103 25.85 -28.05 -0.27
CA ARG C 103 25.56 -29.35 0.25
C ARG C 103 25.58 -29.38 1.75
N LEU C 104 25.40 -28.21 2.33
CA LEU C 104 25.27 -28.07 3.79
C LEU C 104 23.83 -27.62 4.14
N LEU C 105 23.18 -28.45 4.96
CA LEU C 105 21.79 -28.32 5.36
C LEU C 105 21.56 -28.26 6.87
N ASN C 106 20.56 -27.48 7.34
CA ASN C 106 20.26 -27.43 8.76
C ASN C 106 18.76 -27.34 9.05
N ILE C 107 18.36 -27.85 10.21
CA ILE C 107 17.03 -27.67 10.68
C ILE C 107 17.02 -26.76 11.91
N HIS C 108 16.31 -25.65 11.78
CA HIS C 108 16.16 -24.63 12.84
C HIS C 108 14.72 -24.56 13.44
N PRO C 109 14.46 -24.65 14.74
CA PRO C 109 13.11 -24.74 15.29
C PRO C 109 12.31 -23.44 15.43
N SER C 110 12.06 -22.76 14.31
CA SER C 110 11.28 -21.53 14.31
C SER C 110 10.77 -21.22 12.89
N LEU C 111 9.70 -20.44 12.72
CA LEU C 111 9.29 -20.14 11.37
C LEU C 111 10.07 -18.94 10.83
N LEU C 112 11.27 -19.26 10.34
CA LEU C 112 12.13 -18.25 9.77
C LEU C 112 11.49 -17.30 8.75
N PRO C 113 11.77 -15.99 8.85
CA PRO C 113 12.87 -15.43 9.64
C PRO C 113 12.64 -15.19 11.12
N LYS C 114 11.50 -15.56 11.62
CA LYS C 114 11.18 -15.20 12.97
C LYS C 114 12.12 -15.49 14.09
N TYR C 115 12.60 -16.61 14.57
CA TYR C 115 13.38 -16.48 15.80
C TYR C 115 14.73 -17.08 15.56
N PRO C 116 15.63 -16.38 14.85
CA PRO C 116 16.83 -16.94 14.26
C PRO C 116 17.97 -17.24 15.24
N GLY C 117 17.76 -17.54 16.51
CA GLY C 117 18.87 -17.85 17.39
C GLY C 117 18.54 -19.00 18.28
N LEU C 118 18.91 -18.96 19.54
CA LEU C 118 18.61 -20.03 20.47
C LEU C 118 17.38 -19.66 21.29
N HIS C 119 16.83 -20.58 22.07
CA HIS C 119 15.62 -20.33 22.84
C HIS C 119 14.30 -20.00 22.13
N THR C 120 14.23 -20.26 20.83
CA THR C 120 13.06 -20.00 19.96
C THR C 120 11.71 -20.48 20.48
N HIS C 121 11.61 -21.64 21.16
CA HIS C 121 10.34 -22.09 21.73
C HIS C 121 9.85 -21.15 22.84
N ARG C 122 10.79 -20.80 23.75
CA ARG C 122 10.56 -19.82 24.81
C ARG C 122 10.18 -18.49 24.19
N GLN C 123 10.87 -17.94 23.19
CA GLN C 123 10.33 -16.79 22.47
C GLN C 123 8.91 -16.94 21.95
N ALA C 124 8.56 -18.05 21.30
CA ALA C 124 7.19 -18.24 20.83
C ALA C 124 6.16 -18.14 21.97
N LEU C 125 6.45 -18.89 23.01
CA LEU C 125 5.63 -18.91 24.18
C LEU C 125 5.51 -17.51 24.79
N GLU C 126 6.62 -16.79 25.00
CA GLU C 126 6.54 -15.49 25.66
C GLU C 126 5.93 -14.42 24.79
N ASN C 127 6.05 -14.48 23.48
CA ASN C 127 5.38 -13.49 22.66
C ASN C 127 3.91 -13.76 22.39
N GLY C 128 3.41 -14.83 23.03
CA GLY C 128 2.04 -15.32 22.84
C GLY C 128 1.67 -15.59 21.37
N ASP C 129 2.53 -16.29 20.64
CA ASP C 129 2.25 -16.59 19.25
C ASP C 129 1.27 -17.73 19.18
N GLU C 130 0.43 -17.58 18.15
CA GLU C 130 -0.61 -18.55 17.79
C GLU C 130 -0.11 -19.88 17.21
N GLU C 131 0.85 -19.59 16.38
CA GLU C 131 1.51 -20.51 15.52
C GLU C 131 3.02 -20.59 15.78
N HIS C 132 3.56 -21.77 15.97
CA HIS C 132 5.00 -21.94 15.97
C HIS C 132 5.43 -22.81 14.78
N GLY C 133 6.63 -23.41 14.71
CA GLY C 133 7.04 -24.17 13.55
C GLY C 133 8.49 -24.63 13.55
N THR C 134 8.88 -25.10 12.40
CA THR C 134 10.26 -25.50 12.16
C THR C 134 10.69 -25.25 10.75
N SER C 135 11.96 -24.95 10.50
CA SER C 135 12.43 -24.65 9.14
C SER C 135 13.69 -25.38 8.70
N VAL C 136 13.62 -25.99 7.51
CA VAL C 136 14.80 -26.61 6.92
C VAL C 136 15.41 -25.62 5.94
N HIS C 137 16.71 -25.32 6.10
CA HIS C 137 17.33 -24.35 5.19
C HIS C 137 18.74 -24.72 4.76
N PHE C 138 19.25 -24.13 3.68
CA PHE C 138 20.63 -24.27 3.27
C PHE C 138 21.50 -23.38 4.16
N VAL C 139 22.57 -23.88 4.78
CA VAL C 139 23.44 -23.08 5.66
C VAL C 139 24.33 -22.14 4.88
N THR C 140 24.39 -20.91 5.35
CA THR C 140 25.17 -19.84 4.73
C THR C 140 25.97 -19.15 5.85
N ASP C 141 26.85 -18.21 5.53
CA ASP C 141 27.63 -17.50 6.57
C ASP C 141 26.80 -16.87 7.68
N GLU C 142 25.78 -16.14 7.20
CA GLU C 142 24.67 -15.55 7.96
C GLU C 142 23.98 -16.55 8.89
N LEU C 143 24.13 -16.39 10.20
CA LEU C 143 23.60 -17.35 11.18
C LEU C 143 22.07 -17.48 11.16
N ASP C 144 21.68 -18.76 11.04
CA ASP C 144 20.31 -19.14 10.73
C ASP C 144 19.58 -18.39 9.62
N GLY C 145 20.32 -17.81 8.67
CA GLY C 145 19.69 -17.03 7.64
C GLY C 145 19.99 -17.46 6.21
N GLY C 146 20.25 -18.75 5.95
CA GLY C 146 20.41 -19.18 4.55
C GLY C 146 19.05 -19.48 3.92
N PRO C 147 18.85 -19.63 2.59
CA PRO C 147 17.53 -19.86 1.93
C PRO C 147 16.70 -20.99 2.48
N VAL C 148 15.44 -20.72 2.83
CA VAL C 148 14.57 -21.72 3.45
C VAL C 148 13.96 -22.65 2.37
N ILE C 149 13.87 -23.91 2.73
CA ILE C 149 13.42 -24.94 1.80
C ILE C 149 12.04 -25.46 2.18
N LEU C 150 11.81 -25.60 3.47
CA LEU C 150 10.55 -26.16 3.88
C LEU C 150 10.28 -25.89 5.35
N GLN C 151 9.12 -25.29 5.63
CA GLN C 151 8.70 -25.11 7.00
C GLN C 151 7.48 -25.94 7.39
N ALA C 152 7.30 -26.37 8.61
CA ALA C 152 6.05 -26.96 8.99
C ALA C 152 5.53 -26.14 10.19
N LYS C 153 4.33 -25.50 10.14
CA LYS C 153 3.81 -24.75 11.29
C LYS C 153 3.08 -25.65 12.23
N VAL C 154 3.02 -25.24 13.49
CA VAL C 154 2.44 -25.98 14.61
C VAL C 154 1.55 -25.02 15.41
N PRO C 155 0.45 -25.36 16.06
CA PRO C 155 -0.22 -24.49 17.00
C PRO C 155 0.43 -24.42 18.36
N VAL C 156 0.54 -23.21 18.87
CA VAL C 156 0.88 -23.11 20.28
C VAL C 156 -0.44 -22.74 20.98
N PHE C 157 -0.76 -23.52 22.00
CA PHE C 157 -1.98 -23.27 22.75
C PHE C 157 -2.06 -22.32 23.96
N ALA C 158 -2.16 -22.80 25.19
CA ALA C 158 -2.50 -21.90 26.29
C ALA C 158 -1.81 -22.36 27.55
N GLY C 159 -2.22 -23.54 28.02
CA GLY C 159 -1.53 -24.20 29.14
C GLY C 159 -0.35 -25.08 28.65
N ASP C 160 0.35 -24.45 27.72
CA ASP C 160 1.39 -25.07 26.94
C ASP C 160 2.71 -24.74 27.58
N SER C 161 3.44 -25.77 27.96
CA SER C 161 4.79 -25.56 28.46
C SER C 161 5.83 -25.65 27.36
N GLU C 162 7.06 -25.17 27.55
CA GLU C 162 8.13 -25.33 26.56
C GLU C 162 8.31 -26.75 26.07
N ASP C 163 8.08 -27.73 26.92
CA ASP C 163 8.20 -29.11 26.53
C ASP C 163 7.15 -29.60 25.59
N ASP C 164 5.97 -29.08 25.79
CA ASP C 164 4.88 -29.39 24.89
C ASP C 164 5.14 -28.73 23.51
N ILE C 165 5.51 -27.44 23.39
CA ILE C 165 5.79 -26.83 22.09
C ILE C 165 6.95 -27.60 21.46
N THR C 166 7.96 -27.92 22.27
CA THR C 166 9.14 -28.65 21.81
C THR C 166 8.82 -29.99 21.17
N ALA C 167 8.09 -30.85 21.85
CA ALA C 167 7.78 -32.18 21.33
C ALA C 167 6.84 -32.14 20.13
N ARG C 168 5.96 -31.15 20.10
CA ARG C 168 5.07 -30.96 18.96
C ARG C 168 5.88 -30.58 17.72
N VAL C 169 6.86 -29.69 17.88
CA VAL C 169 7.71 -29.21 16.77
C VAL C 169 8.59 -30.36 16.31
N GLN C 170 9.18 -31.13 17.26
CA GLN C 170 10.05 -32.24 16.89
C GLN C 170 9.38 -33.28 16.01
N THR C 171 8.12 -33.58 16.28
CA THR C 171 7.30 -34.44 15.40
C THR C 171 7.28 -34.05 13.95
N GLN C 172 7.19 -32.76 13.72
CA GLN C 172 7.22 -32.25 12.35
C GLN C 172 8.59 -32.36 11.74
N GLU C 173 9.63 -32.14 12.56
CA GLU C 173 11.01 -32.24 12.06
C GLU C 173 11.30 -33.63 11.54
N HIS C 174 10.88 -34.62 12.29
CA HIS C 174 11.02 -35.99 11.91
C HIS C 174 10.30 -36.37 10.64
N ALA C 175 9.46 -35.52 10.15
CA ALA C 175 8.81 -35.82 8.92
C ALA C 175 9.32 -35.00 7.78
N ILE C 176 9.56 -33.71 7.99
CA ILE C 176 10.02 -32.89 6.89
C ILE C 176 11.52 -32.91 6.70
N TYR C 177 12.41 -33.28 7.66
CA TYR C 177 13.85 -33.33 7.31
C TYR C 177 14.24 -34.53 6.39
N PRO C 178 13.86 -35.80 6.61
CA PRO C 178 14.04 -36.90 5.67
C PRO C 178 13.48 -36.57 4.35
N LEU C 179 12.34 -35.91 4.31
CA LEU C 179 11.81 -35.53 3.01
C LEU C 179 12.67 -34.52 2.30
N VAL C 180 13.28 -33.46 2.85
CA VAL C 180 14.06 -32.61 1.95
C VAL C 180 15.41 -33.23 1.65
N ILE C 181 15.95 -34.12 2.50
CA ILE C 181 17.20 -34.82 2.16
C ILE C 181 16.87 -35.74 0.97
N SER C 182 15.74 -36.48 0.88
CA SER C 182 15.45 -37.20 -0.37
C SER C 182 15.24 -36.29 -1.57
N TRP C 183 14.66 -35.10 -1.52
CA TRP C 183 14.69 -34.25 -2.71
C TRP C 183 16.13 -33.90 -3.10
N PHE C 184 17.03 -33.69 -2.15
CA PHE C 184 18.46 -33.42 -2.46
C PHE C 184 19.06 -34.67 -3.11
N ALA C 185 18.97 -35.84 -2.44
CA ALA C 185 19.46 -37.11 -2.95
C ALA C 185 18.92 -37.39 -4.34
N ASP C 186 17.67 -37.13 -4.71
CA ASP C 186 17.25 -37.34 -6.08
C ASP C 186 17.62 -36.25 -7.07
N GLY C 187 18.39 -35.26 -6.69
CA GLY C 187 18.82 -34.26 -7.68
C GLY C 187 17.82 -33.20 -8.02
N ARG C 188 16.79 -33.12 -7.20
CA ARG C 188 15.68 -32.20 -7.38
C ARG C 188 15.99 -30.83 -6.80
N LEU C 189 16.62 -30.85 -5.60
CA LEU C 189 16.94 -29.66 -4.85
C LEU C 189 18.36 -29.16 -5.02
N LYS C 190 18.48 -27.87 -5.34
CA LYS C 190 19.73 -27.15 -5.54
C LYS C 190 19.80 -25.73 -4.99
N MET C 191 20.90 -25.24 -4.44
CA MET C 191 21.05 -23.81 -4.23
C MET C 191 21.74 -23.14 -5.44
N HIS C 192 21.32 -21.97 -5.94
CA HIS C 192 22.11 -21.21 -6.92
C HIS C 192 22.02 -19.85 -6.28
N GLU C 193 23.16 -19.59 -5.59
CA GLU C 193 23.46 -18.52 -4.60
C GLU C 193 22.36 -17.61 -4.06
N ASN C 194 22.21 -17.90 -2.77
CA ASN C 194 21.10 -17.44 -1.95
C ASN C 194 19.71 -17.90 -2.39
N ALA C 195 19.48 -18.52 -3.54
CA ALA C 195 18.16 -19.07 -3.81
C ALA C 195 18.09 -20.58 -3.70
N ALA C 196 17.05 -21.16 -3.08
CA ALA C 196 16.85 -22.61 -3.12
C ALA C 196 15.99 -22.98 -4.34
N TRP C 197 16.24 -24.02 -5.11
CA TRP C 197 15.50 -24.27 -6.35
C TRP C 197 14.92 -25.65 -6.37
N LEU C 198 13.61 -25.88 -6.30
CA LEU C 198 13.07 -27.25 -6.34
C LEU C 198 12.56 -27.46 -7.73
N ASP C 199 12.87 -28.59 -8.34
CA ASP C 199 12.49 -28.92 -9.73
C ASP C 199 12.65 -27.80 -10.75
N GLY C 200 13.74 -27.06 -10.69
CA GLY C 200 13.98 -25.96 -11.62
C GLY C 200 13.25 -24.65 -11.26
N GLN C 201 12.34 -24.70 -10.31
CA GLN C 201 11.59 -23.55 -9.90
C GLN C 201 12.31 -22.85 -8.74
N ARG C 202 12.63 -21.56 -8.85
CA ARG C 202 13.13 -20.80 -7.71
C ARG C 202 12.12 -20.77 -6.56
N LEU C 203 12.38 -21.29 -5.36
CA LEU C 203 11.39 -21.30 -4.29
C LEU C 203 11.16 -19.94 -3.59
N PRO C 204 9.96 -19.62 -3.04
CA PRO C 204 9.71 -18.38 -2.36
C PRO C 204 10.35 -18.39 -0.98
N PRO C 205 10.55 -17.25 -0.34
CA PRO C 205 11.26 -17.12 0.92
C PRO C 205 10.87 -17.95 2.11
N GLN C 206 9.66 -18.42 2.14
CA GLN C 206 9.23 -19.20 3.28
C GLN C 206 9.24 -20.67 2.92
N GLY C 207 9.84 -20.95 1.76
CA GLY C 207 10.01 -22.28 1.24
C GLY C 207 8.88 -22.75 0.35
N TYR C 208 8.28 -23.81 0.86
CA TYR C 208 7.21 -24.59 0.26
C TYR C 208 7.77 -25.48 -0.84
N ALA C 209 7.13 -26.61 -0.67
CA ALA C 209 7.22 -27.78 -1.50
C ALA C 209 6.66 -27.79 -2.93
N MET D 1 -2.82 -2.75 -19.17
CA MET D 1 -2.65 -1.46 -18.51
C MET D 1 -2.19 -1.64 -17.06
N ASN D 2 -1.08 -0.97 -16.74
CA ASN D 2 -0.47 -1.01 -15.40
C ASN D 2 -0.87 0.09 -14.45
N ILE D 3 -1.42 -0.36 -13.36
CA ILE D 3 -1.94 0.53 -12.36
C ILE D 3 -1.03 0.43 -11.16
N VAL D 4 -0.50 1.51 -10.53
CA VAL D 4 0.05 1.28 -9.19
C VAL D 4 -0.75 2.15 -8.17
N VAL D 5 -1.02 1.58 -7.02
CA VAL D 5 -1.75 2.27 -5.98
C VAL D 5 -0.97 2.50 -4.70
N LEU D 6 -1.11 3.76 -4.29
CA LEU D 6 -0.50 4.27 -3.07
C LEU D 6 -1.45 4.29 -1.90
N ILE D 7 -1.12 3.61 -0.82
CA ILE D 7 -1.92 3.59 0.38
C ILE D 7 -1.20 4.07 1.65
N SER D 8 -1.93 4.47 2.69
CA SER D 8 -1.31 4.68 4.00
C SER D 8 -1.92 3.80 5.05
N GLY D 9 -2.93 2.97 4.76
CA GLY D 9 -3.62 2.26 5.82
C GLY D 9 -4.40 0.98 5.53
N ASN D 10 -5.73 0.92 5.71
CA ASN D 10 -6.40 -0.39 5.74
C ASN D 10 -6.47 -1.15 4.42
N GLY D 11 -6.61 -0.42 3.34
CA GLY D 11 -6.64 -0.99 2.01
C GLY D 11 -7.96 -1.56 1.52
N SER D 12 -9.11 -1.08 1.99
CA SER D 12 -10.38 -1.58 1.48
C SER D 12 -10.67 -1.06 0.06
N ASN D 13 -10.34 0.17 -0.30
CA ASN D 13 -10.47 0.62 -1.70
C ASN D 13 -9.51 -0.10 -2.69
N LEU D 14 -8.27 -0.35 -2.26
CA LEU D 14 -7.26 -1.17 -2.94
C LEU D 14 -7.88 -2.55 -3.22
N GLN D 15 -8.45 -3.19 -2.19
CA GLN D 15 -9.05 -4.48 -2.38
C GLN D 15 -10.10 -4.50 -3.47
N ALA D 16 -10.94 -3.48 -3.51
CA ALA D 16 -11.95 -3.40 -4.57
C ALA D 16 -11.34 -3.29 -5.96
N ILE D 17 -10.27 -2.49 -6.09
CA ILE D 17 -9.55 -2.37 -7.35
C ILE D 17 -8.96 -3.76 -7.72
N ILE D 18 -8.31 -4.47 -6.82
CA ILE D 18 -7.78 -5.79 -7.09
C ILE D 18 -8.88 -6.74 -7.57
N ASP D 19 -9.97 -6.85 -6.85
CA ASP D 19 -11.09 -7.68 -7.29
C ASP D 19 -11.71 -7.31 -8.63
N ALA D 20 -11.76 -6.06 -9.00
CA ALA D 20 -12.35 -5.70 -10.28
C ALA D 20 -11.45 -6.09 -11.44
N CYS D 21 -10.15 -5.93 -11.17
CA CYS D 21 -9.06 -6.26 -12.12
C CYS D 21 -9.13 -7.77 -12.35
N LYS D 22 -9.20 -8.52 -11.27
CA LYS D 22 -9.31 -9.97 -11.30
C LYS D 22 -10.53 -10.45 -12.08
N THR D 23 -11.64 -9.74 -12.06
CA THR D 23 -12.77 -10.22 -12.80
C THR D 23 -12.97 -9.57 -14.11
N ASN D 24 -11.93 -8.86 -14.46
CA ASN D 24 -11.83 -8.10 -15.69
C ASN D 24 -12.87 -7.04 -15.88
N LYS D 25 -13.42 -6.58 -14.75
CA LYS D 25 -14.30 -5.42 -14.87
C LYS D 25 -13.40 -4.24 -15.15
N ILE D 26 -12.11 -4.23 -14.66
CA ILE D 26 -11.10 -3.23 -15.11
C ILE D 26 -10.16 -3.96 -16.14
N LYS D 27 -10.04 -3.57 -17.44
CA LYS D 27 -9.15 -4.24 -18.39
C LYS D 27 -7.69 -3.84 -18.14
N GLY D 28 -7.16 -4.31 -17.02
CA GLY D 28 -5.86 -3.87 -16.56
C GLY D 28 -5.45 -4.50 -15.25
N THR D 29 -4.29 -4.23 -14.65
CA THR D 29 -3.88 -5.00 -13.45
C THR D 29 -3.01 -4.19 -12.46
N VAL D 30 -3.05 -4.46 -11.16
CA VAL D 30 -2.28 -3.70 -10.19
C VAL D 30 -0.88 -4.34 -10.12
N ARG D 31 0.12 -3.61 -10.60
CA ARG D 31 1.50 -4.07 -10.57
C ARG D 31 2.27 -3.93 -9.24
N ALA D 32 2.03 -2.87 -8.53
CA ALA D 32 2.68 -2.58 -7.28
C ALA D 32 1.83 -1.74 -6.33
N VAL D 33 1.94 -1.96 -5.03
CA VAL D 33 1.29 -1.15 -3.99
C VAL D 33 2.38 -0.50 -3.13
N PHE D 34 2.37 0.82 -3.07
CA PHE D 34 3.32 1.58 -2.25
C PHE D 34 2.71 2.14 -0.95
N SER D 35 3.33 2.01 0.21
CA SER D 35 2.86 2.57 1.44
C SER D 35 3.88 3.49 2.08
N ASN D 36 3.50 4.57 2.75
CA ASN D 36 4.45 5.31 3.60
C ASN D 36 4.43 4.94 5.09
N LYS D 37 3.76 3.85 5.36
CA LYS D 37 3.43 3.39 6.67
C LYS D 37 3.83 1.96 6.71
N ALA D 38 4.72 1.55 7.59
CA ALA D 38 5.09 0.13 7.55
C ALA D 38 4.06 -0.85 8.09
N ASP D 39 3.17 -0.32 8.88
CA ASP D 39 2.12 -1.17 9.42
C ASP D 39 0.83 -1.15 8.56
N ALA D 40 0.80 -0.64 7.32
CA ALA D 40 -0.47 -0.53 6.64
C ALA D 40 -1.07 -1.87 6.30
N PHE D 41 -2.30 -2.17 6.75
CA PHE D 41 -2.83 -3.49 6.43
C PHE D 41 -3.00 -3.72 4.93
N GLY D 42 -3.17 -2.69 4.10
CA GLY D 42 -3.30 -2.84 2.67
C GLY D 42 -2.16 -3.59 2.00
N LEU D 43 -0.98 -3.48 2.59
CA LEU D 43 0.23 -4.19 2.13
C LEU D 43 0.00 -5.66 2.33
N GLU D 44 -0.64 -6.15 3.39
CA GLU D 44 -0.93 -7.57 3.53
C GLU D 44 -1.99 -8.02 2.53
N ARG D 45 -2.97 -7.19 2.19
CA ARG D 45 -3.93 -7.47 1.12
C ARG D 45 -3.23 -7.59 -0.22
N ALA D 46 -2.29 -6.70 -0.58
CA ALA D 46 -1.48 -6.79 -1.80
C ALA D 46 -0.66 -8.08 -1.87
N ARG D 47 0.00 -8.33 -0.75
CA ARG D 47 0.81 -9.52 -0.56
C ARG D 47 0.01 -10.78 -0.74
N GLN D 48 -1.11 -10.97 -0.07
CA GLN D 48 -1.93 -12.16 -0.31
C GLN D 48 -2.37 -12.25 -1.76
N ALA D 49 -2.56 -11.18 -2.51
CA ALA D 49 -2.96 -11.27 -3.90
C ALA D 49 -1.80 -11.39 -4.87
N GLY D 50 -0.61 -11.50 -4.32
CA GLY D 50 0.59 -11.63 -5.12
C GLY D 50 1.08 -10.38 -5.82
N ILE D 51 0.73 -9.19 -5.34
CA ILE D 51 1.26 -7.94 -5.91
C ILE D 51 2.51 -7.48 -5.16
N ALA D 52 3.43 -6.84 -5.84
CA ALA D 52 4.61 -6.27 -5.23
C ALA D 52 4.34 -5.14 -4.27
N THR D 53 4.95 -5.30 -3.12
CA THR D 53 4.85 -4.37 -2.00
C THR D 53 6.02 -3.47 -1.74
N HIS D 54 5.86 -2.19 -1.47
CA HIS D 54 6.98 -1.32 -1.18
C HIS D 54 6.70 -0.27 -0.14
N THR D 55 7.43 -0.26 0.97
CA THR D 55 7.27 0.74 2.01
C THR D 55 8.33 1.77 1.93
N LEU D 56 8.00 3.04 1.92
CA LEU D 56 8.99 4.06 1.78
C LEU D 56 8.74 5.11 2.88
N ILE D 57 9.37 4.93 4.03
CA ILE D 57 9.31 5.81 5.21
C ILE D 57 9.99 7.18 5.06
N ALA D 58 9.28 8.29 5.21
CA ALA D 58 9.88 9.61 4.99
C ALA D 58 10.75 10.13 6.09
N SER D 59 10.79 9.48 7.23
CA SER D 59 11.73 9.86 8.30
C SER D 59 13.16 10.02 7.76
N ALA D 60 13.47 8.96 6.98
CA ALA D 60 14.67 8.73 6.21
C ALA D 60 15.12 9.75 5.15
N PHE D 61 14.21 10.60 4.69
CA PHE D 61 14.52 11.47 3.57
C PHE D 61 14.95 12.92 3.67
N ASP D 62 15.00 13.56 4.85
CA ASP D 62 15.43 14.97 5.03
C ASP D 62 14.69 16.10 4.27
N SER D 63 13.89 15.81 3.24
CA SER D 63 13.20 16.82 2.44
C SER D 63 11.99 16.35 1.65
N ARG D 64 10.94 17.15 1.50
CA ARG D 64 9.74 16.67 0.81
C ARG D 64 9.99 16.28 -0.66
N GLU D 65 10.70 17.17 -1.27
CA GLU D 65 11.10 17.10 -2.66
C GLU D 65 11.97 15.87 -2.87
N ALA D 66 12.75 15.55 -1.87
CA ALA D 66 13.59 14.38 -1.88
C ALA D 66 12.88 13.05 -1.78
N TYR D 67 11.92 12.99 -0.84
CA TYR D 67 11.13 11.77 -0.69
C TYR D 67 10.36 11.48 -1.99
N ASP D 68 9.76 12.51 -2.54
CA ASP D 68 9.03 12.37 -3.77
C ASP D 68 9.89 11.98 -4.94
N ARG D 69 11.15 12.37 -5.02
CA ARG D 69 11.94 11.82 -6.13
C ARG D 69 12.30 10.35 -5.97
N GLU D 70 12.57 9.83 -4.77
CA GLU D 70 12.72 8.39 -4.69
C GLU D 70 11.45 7.63 -5.04
N LEU D 71 10.30 8.15 -4.59
CA LEU D 71 9.01 7.56 -4.86
C LEU D 71 8.79 7.60 -6.37
N ILE D 72 9.00 8.69 -7.10
CA ILE D 72 8.90 8.65 -8.55
C ILE D 72 9.80 7.56 -9.12
N HIS D 73 11.07 7.50 -8.65
CA HIS D 73 12.04 6.52 -9.13
C HIS D 73 11.56 5.08 -9.04
N GLU D 74 11.02 4.68 -7.92
CA GLU D 74 10.51 3.35 -7.68
C GLU D 74 9.21 2.98 -8.41
N ILE D 75 8.34 3.96 -8.59
CA ILE D 75 7.04 3.73 -9.20
C ILE D 75 7.25 3.41 -10.67
N ASP D 76 8.11 4.23 -11.26
CA ASP D 76 8.39 4.08 -12.65
C ASP D 76 9.09 2.76 -13.02
N MET D 77 9.65 1.96 -12.13
CA MET D 77 10.06 0.61 -12.47
C MET D 77 8.87 -0.23 -12.96
N TYR D 78 7.65 0.07 -12.50
CA TYR D 78 6.48 -0.72 -12.85
C TYR D 78 5.78 -0.17 -14.05
N ALA D 79 6.36 0.90 -14.59
CA ALA D 79 5.80 1.58 -15.72
C ALA D 79 4.30 1.79 -15.71
N PRO D 80 3.79 2.64 -14.79
CA PRO D 80 2.38 2.82 -14.55
C PRO D 80 1.67 3.58 -15.66
N ASP D 81 0.50 3.11 -16.07
CA ASP D 81 -0.32 3.91 -16.96
C ASP D 81 -1.19 4.93 -16.26
N VAL D 82 -1.52 4.57 -15.03
CA VAL D 82 -2.28 5.39 -14.12
C VAL D 82 -1.71 5.12 -12.74
N VAL D 83 -1.45 6.14 -11.90
CA VAL D 83 -1.19 5.87 -10.49
C VAL D 83 -2.37 6.39 -9.66
N VAL D 84 -2.82 5.52 -8.77
CA VAL D 84 -3.96 5.86 -7.99
C VAL D 84 -3.75 5.92 -6.49
N LEU D 85 -4.05 7.12 -5.98
CA LEU D 85 -4.10 7.38 -4.55
C LEU D 85 -5.39 6.78 -3.88
N ALA D 86 -5.23 5.88 -2.93
CA ALA D 86 -6.36 5.29 -2.27
C ALA D 86 -6.06 5.18 -0.79
N GLY D 87 -6.29 6.32 -0.13
CA GLY D 87 -5.99 6.50 1.31
C GLY D 87 -4.56 7.00 1.58
N PHE D 88 -3.91 7.74 0.67
CA PHE D 88 -2.52 8.08 0.86
C PHE D 88 -2.43 9.39 1.63
N MET D 89 -1.98 9.38 2.87
CA MET D 89 -1.92 10.58 3.66
C MET D 89 -0.70 11.54 3.51
N ARG D 90 -0.40 12.13 2.36
CA ARG D 90 0.70 13.03 2.20
C ARG D 90 0.47 14.02 1.10
N ILE D 91 0.84 15.26 1.23
CA ILE D 91 0.70 16.16 0.13
C ILE D 91 1.85 15.81 -0.80
N LEU D 92 1.54 15.71 -2.07
CA LEU D 92 2.55 15.42 -3.07
C LEU D 92 2.96 16.74 -3.66
N SER D 93 4.25 16.83 -3.84
CA SER D 93 4.85 18.03 -4.31
C SER D 93 4.62 18.27 -5.77
N PRO D 94 4.70 19.52 -6.22
CA PRO D 94 4.52 19.95 -7.59
C PRO D 94 5.18 19.15 -8.68
N ALA D 95 6.31 18.59 -8.29
CA ALA D 95 7.09 17.76 -9.19
C ALA D 95 6.44 16.41 -9.42
N PHE D 96 5.97 15.77 -8.35
CA PHE D 96 5.29 14.50 -8.42
C PHE D 96 4.02 14.66 -9.26
N VAL D 97 3.26 15.67 -8.88
CA VAL D 97 2.00 15.95 -9.56
C VAL D 97 2.31 16.29 -10.98
N SER D 98 3.34 17.06 -11.26
CA SER D 98 3.70 17.39 -12.64
C SER D 98 4.12 16.18 -13.47
N HIS D 99 4.66 15.19 -12.78
CA HIS D 99 5.21 14.03 -13.46
C HIS D 99 4.13 13.07 -13.85
N TYR D 100 3.18 12.86 -12.96
CA TYR D 100 2.07 12.02 -13.27
C TYR D 100 0.83 12.79 -13.77
N ALA D 101 1.06 13.98 -14.29
CA ALA D 101 0.01 14.84 -14.80
C ALA D 101 -0.97 14.14 -15.75
N GLY D 102 -2.26 13.99 -15.42
CA GLY D 102 -3.17 13.34 -16.37
C GLY D 102 -3.49 11.87 -16.07
N ARG D 103 -2.60 11.30 -15.25
CA ARG D 103 -2.74 9.92 -14.88
C ARG D 103 -2.62 9.71 -13.40
N LEU D 104 -2.86 10.78 -12.67
CA LEU D 104 -2.91 10.74 -11.20
C LEU D 104 -4.34 11.02 -10.72
N LEU D 105 -4.88 10.04 -9.97
CA LEU D 105 -6.24 10.00 -9.48
C LEU D 105 -6.37 9.85 -7.97
N ASN D 106 -7.41 10.47 -7.35
CA ASN D 106 -7.61 10.34 -5.91
C ASN D 106 -9.10 10.25 -5.54
N ILE D 107 -9.36 9.57 -4.43
CA ILE D 107 -10.68 9.58 -3.87
C ILE D 107 -10.68 10.33 -2.54
N HIS D 108 -11.49 11.38 -2.48
CA HIS D 108 -11.65 12.24 -1.30
C HIS D 108 -13.05 12.11 -0.63
N PRO D 109 -13.22 11.85 0.69
CA PRO D 109 -14.52 11.58 1.29
C PRO D 109 -15.41 12.77 1.63
N SER D 110 -15.79 13.55 0.61
CA SER D 110 -16.67 14.70 0.80
C SER D 110 -17.29 15.12 -0.54
N LEU D 111 -18.43 15.81 -0.55
CA LEU D 111 -18.96 16.24 -1.82
C LEU D 111 -18.31 17.55 -2.25
N LEU D 112 -17.14 17.42 -2.84
CA LEU D 112 -16.39 18.55 -3.33
C LEU D 112 -17.17 19.55 -4.19
N PRO D 113 -17.00 20.86 -3.95
CA PRO D 113 -15.91 21.42 -3.16
C PRO D 113 -16.05 21.46 -1.64
N LYS D 114 -17.13 20.94 -1.12
CA LYS D 114 -17.38 21.10 0.26
C LYS D 114 -16.35 20.78 1.30
N TYR D 115 -15.75 19.65 1.60
CA TYR D 115 -14.90 19.70 2.79
C TYR D 115 -13.52 19.27 2.40
N PRO D 116 -12.73 20.12 1.75
CA PRO D 116 -11.52 19.74 1.02
C PRO D 116 -10.31 19.44 1.89
N GLY D 117 -10.41 18.97 3.13
CA GLY D 117 -9.22 18.66 3.89
C GLY D 117 -9.39 17.37 4.65
N LEU D 118 -8.95 17.31 5.88
CA LEU D 118 -9.09 16.10 6.69
C LEU D 118 -10.30 16.27 7.61
N HIS D 119 -10.72 15.22 8.30
CA HIS D 119 -11.89 15.27 9.17
C HIS D 119 -13.27 15.55 8.59
N THR D 120 -13.41 15.45 7.25
CA THR D 120 -14.65 15.69 6.49
C THR D 120 -15.92 15.04 7.03
N HIS D 121 -15.87 13.80 7.56
CA HIS D 121 -17.07 13.18 8.14
C HIS D 121 -17.55 13.93 9.39
N ARG D 122 -16.59 14.25 10.28
CA ARG D 122 -16.84 15.08 11.46
C ARG D 122 -17.35 16.44 11.04
N GLN D 123 -16.79 17.15 10.07
CA GLN D 123 -17.45 18.32 9.53
C GLN D 123 -18.90 18.12 9.09
N ALA D 124 -19.20 17.06 8.31
CA ALA D 124 -20.58 16.81 7.91
C ALA D 124 -21.53 16.66 9.10
N LEU D 125 -21.11 15.84 10.03
CA LEU D 125 -21.85 15.59 11.22
C LEU D 125 -22.04 16.91 12.02
N GLU D 126 -20.99 17.69 12.25
CA GLU D 126 -21.14 18.89 13.06
C GLU D 126 -21.88 20.00 12.37
N ASN D 127 -21.84 20.10 11.06
CA ASN D 127 -22.65 21.13 10.41
C ASN D 127 -24.11 20.77 10.19
N GLY D 128 -24.47 19.58 10.71
CA GLY D 128 -25.81 18.99 10.54
C GLY D 128 -26.25 18.86 9.08
N ASP D 129 -25.38 18.33 8.22
CA ASP D 129 -25.73 18.17 6.82
C ASP D 129 -26.62 16.97 6.66
N GLU D 130 -27.52 17.15 5.71
CA GLU D 130 -28.50 16.15 5.28
C GLU D 130 -27.93 14.94 4.52
N GLU D 131 -27.06 15.42 3.68
CA GLU D 131 -26.39 14.68 2.67
C GLU D 131 -24.86 14.70 2.84
N HIS D 132 -24.21 13.56 2.85
CA HIS D 132 -22.76 13.53 2.75
C HIS D 132 -22.35 12.84 1.44
N GLY D 133 -21.11 12.38 1.23
CA GLY D 133 -20.71 11.79 -0.04
C GLY D 133 -19.23 11.47 -0.16
N THR D 134 -18.88 11.18 -1.40
CA THR D 134 -17.50 10.93 -1.74
C THR D 134 -17.18 11.39 -3.14
N SER D 135 -15.95 11.83 -3.43
CA SER D 135 -15.60 12.33 -4.76
C SER D 135 -14.32 11.77 -5.36
N VAL D 136 -14.42 11.30 -6.60
CA VAL D 136 -13.23 10.87 -7.33
C VAL D 136 -12.76 12.02 -8.22
N HIS D 137 -11.49 12.41 -8.10
CA HIS D 137 -11.02 13.54 -8.91
C HIS D 137 -9.61 13.35 -9.46
N PHE D 138 -9.23 14.11 -10.48
CA PHE D 138 -7.86 14.15 -10.99
C PHE D 138 -7.02 15.00 -10.05
N VAL D 139 -5.87 14.52 -9.54
CA VAL D 139 -5.03 15.29 -8.63
C VAL D 139 -4.26 16.39 -9.34
N THR D 140 -4.28 17.56 -8.71
CA THR D 140 -3.63 18.75 -9.24
C THR D 140 -2.82 19.39 -8.09
N ASP D 141 -2.04 20.43 -8.34
CA ASP D 141 -1.26 21.08 -7.27
C ASP D 141 -2.06 21.49 -6.05
N GLU D 142 -3.17 22.18 -6.36
CA GLU D 142 -4.26 22.58 -5.48
C GLU D 142 -4.81 21.41 -4.64
N LEU D 143 -4.59 21.42 -3.33
CA LEU D 143 -4.96 20.32 -2.44
C LEU D 143 -6.48 20.05 -2.41
N ASP D 144 -6.78 18.77 -2.66
CA ASP D 144 -8.13 18.30 -2.95
C ASP D 144 -8.98 19.11 -3.91
N GLY D 145 -8.35 19.86 -4.82
CA GLY D 145 -9.12 20.70 -5.71
C GLY D 145 -8.88 20.47 -7.19
N GLY D 146 -8.53 19.25 -7.63
CA GLY D 146 -8.43 19.01 -9.08
C GLY D 146 -9.80 18.66 -9.67
N PRO D 147 -10.07 18.64 -10.99
CA PRO D 147 -11.41 18.38 -11.60
C PRO D 147 -12.10 17.13 -11.14
N VAL D 148 -13.35 17.23 -10.70
CA VAL D 148 -14.10 16.10 -10.15
C VAL D 148 -14.69 15.25 -11.30
N ILE D 149 -14.66 13.95 -11.11
CA ILE D 149 -15.08 13.01 -12.13
C ILE D 149 -16.39 12.33 -11.74
N LEU D 150 -16.51 12.00 -10.47
CA LEU D 150 -17.70 11.28 -10.06
C LEU D 150 -17.88 11.35 -8.55
N GLN D 151 -19.07 11.81 -8.13
CA GLN D 151 -19.41 11.79 -6.74
C GLN D 151 -20.54 10.82 -6.39
N ALA D 152 -20.60 10.23 -5.21
CA ALA D 152 -21.75 9.48 -4.84
C ALA D 152 -22.28 10.10 -3.53
N LYS D 153 -23.52 10.64 -3.43
CA LYS D 153 -24.03 11.20 -2.17
C LYS D 153 -24.61 10.13 -1.31
N VAL D 154 -24.63 10.37 -0.01
CA VAL D 154 -25.07 9.45 1.04
C VAL D 154 -25.97 10.23 2.01
N PRO D 155 -26.99 9.72 2.67
CA PRO D 155 -27.68 10.40 3.75
C PRO D 155 -26.95 10.38 5.06
N VAL D 156 -26.90 11.52 5.72
CA VAL D 156 -26.47 11.48 7.11
C VAL D 156 -27.77 11.65 7.91
N PHE D 157 -27.96 10.73 8.85
CA PHE D 157 -29.15 10.77 9.69
C PHE D 157 -29.23 11.56 11.00
N ALA D 158 -29.21 10.93 12.18
CA ALA D 158 -29.54 11.67 13.40
C ALA D 158 -28.75 11.11 14.55
N GLY D 159 -29.02 9.85 14.89
CA GLY D 159 -28.20 9.13 15.88
C GLY D 159 -26.99 8.44 15.22
N ASP D 160 -26.40 9.24 14.34
CA ASP D 160 -25.37 8.80 13.43
C ASP D 160 -24.04 9.17 14.04
N SER D 161 -23.20 8.17 14.24
CA SER D 161 -21.85 8.45 14.68
C SER D 161 -20.87 8.58 13.52
N GLU D 162 -19.69 9.14 13.71
CA GLU D 162 -18.68 9.20 12.65
C GLU D 162 -18.41 7.87 11.98
N ASP D 163 -18.50 6.79 12.71
CA ASP D 163 -18.29 5.47 12.15
C ASP D 163 -19.36 5.00 11.21
N ASP D 164 -20.56 5.39 11.54
CA ASP D 164 -21.67 5.10 10.67
C ASP D 164 -21.56 5.93 9.38
N ILE D 165 -21.32 7.25 9.39
CA ILE D 165 -21.17 8.02 8.17
C ILE D 165 -19.99 7.46 7.38
N THR D 166 -18.91 7.13 8.08
CA THR D 166 -17.71 6.57 7.48
C THR D 166 -17.96 5.30 6.68
N ALA D 167 -18.57 4.29 7.30
CA ALA D 167 -18.80 3.02 6.63
C ALA D 167 -19.81 3.11 5.51
N ARG D 168 -20.77 4.02 5.65
CA ARG D 168 -21.75 4.26 4.59
C ARG D 168 -21.06 4.85 3.37
N VAL D 169 -20.15 5.80 3.58
CA VAL D 169 -19.41 6.48 2.50
C VAL D 169 -18.47 5.49 1.86
N GLN D 170 -17.76 4.66 2.65
CA GLN D 170 -16.83 3.69 2.10
C GLN D 170 -17.47 2.70 1.14
N THR D 171 -18.68 2.26 1.44
CA THR D 171 -19.47 1.44 0.51
C THR D 171 -19.63 1.99 -0.88
N GLN D 172 -19.83 3.28 -0.94
CA GLN D 172 -19.94 3.96 -2.23
C GLN D 172 -18.60 4.05 -2.92
N GLU D 173 -17.54 4.26 -2.15
CA GLU D 173 -16.19 4.34 -2.72
C GLU D 173 -15.83 3.05 -3.44
N HIS D 174 -16.11 1.95 -2.80
CA HIS D 174 -15.87 0.67 -3.34
C HIS D 174 -16.64 0.37 -4.62
N ALA D 175 -17.59 1.20 -4.94
CA ALA D 175 -18.28 0.98 -6.16
C ALA D 175 -17.93 1.97 -7.22
N ILE D 176 -17.78 3.25 -6.86
CA ILE D 176 -17.47 4.23 -7.88
C ILE D 176 -15.99 4.36 -8.15
N TYR D 177 -15.00 3.96 -7.31
CA TYR D 177 -13.59 4.09 -7.74
C TYR D 177 -13.17 3.05 -8.81
N PRO D 178 -13.42 1.73 -8.74
CA PRO D 178 -13.22 0.77 -9.81
C PRO D 178 -13.88 1.21 -11.05
N LEU D 179 -15.08 1.76 -10.93
CA LEU D 179 -15.71 2.24 -12.15
C LEU D 179 -15.00 3.40 -12.78
N VAL D 180 -14.45 4.44 -12.13
CA VAL D 180 -13.79 5.46 -12.96
C VAL D 180 -12.42 5.00 -13.41
N ILE D 181 -11.75 4.06 -12.70
CA ILE D 181 -10.48 3.53 -13.21
C ILE D 181 -10.81 2.73 -14.48
N SER D 182 -11.87 1.91 -14.59
CA SER D 182 -12.19 1.32 -15.90
C SER D 182 -12.55 2.34 -16.98
N TRP D 183 -13.22 3.46 -16.74
CA TRP D 183 -13.34 4.44 -17.83
C TRP D 183 -11.96 4.97 -18.24
N PHE D 184 -11.02 5.15 -17.32
CA PHE D 184 -9.65 5.57 -17.67
C PHE D 184 -8.98 4.46 -18.50
N ALA D 185 -8.94 3.24 -17.98
CA ALA D 185 -8.38 2.08 -18.67
C ALA D 185 -8.97 1.92 -20.06
N ASP D 186 -10.27 2.12 -20.32
CA ASP D 186 -10.76 2.03 -21.68
C ASP D 186 -10.55 3.25 -22.54
N GLY D 187 -9.84 4.25 -22.10
CA GLY D 187 -9.56 5.40 -22.97
C GLY D 187 -10.66 6.41 -23.13
N ARG D 188 -11.64 6.27 -22.24
CA ARG D 188 -12.83 7.12 -22.25
C ARG D 188 -12.59 8.43 -21.53
N LEU D 189 -11.89 8.33 -20.38
CA LEU D 189 -11.62 9.44 -19.49
C LEU D 189 -10.26 10.09 -19.67
N LYS D 190 -10.28 11.41 -19.85
CA LYS D 190 -9.12 12.25 -20.03
C LYS D 190 -9.11 13.60 -19.31
N MET D 191 -8.03 14.12 -18.77
CA MET D 191 -7.99 15.52 -18.39
C MET D 191 -7.43 16.40 -19.54
N HIS D 192 -7.98 17.58 -19.86
CA HIS D 192 -7.32 18.51 -20.79
C HIS D 192 -7.48 19.76 -19.98
N GLU D 193 -6.32 20.05 -19.33
CA GLU D 193 -6.05 21.01 -18.24
C GLU D 193 -7.18 21.75 -17.52
N ASN D 194 -7.23 21.29 -16.27
CA ASN D 194 -8.31 21.56 -15.35
C ASN D 194 -9.69 21.03 -15.75
N ALA D 195 -9.95 20.53 -16.96
CA ALA D 195 -11.23 19.90 -17.22
C ALA D 195 -11.17 18.39 -17.30
N ALA D 196 -12.10 17.65 -16.69
CA ALA D 196 -12.19 16.20 -16.90
C ALA D 196 -13.09 15.90 -18.12
N TRP D 197 -12.81 14.99 -19.02
CA TRP D 197 -13.61 14.82 -20.23
C TRP D 197 -14.07 13.40 -20.39
N LEU D 198 -15.35 13.04 -20.28
CA LEU D 198 -15.77 11.65 -20.47
C LEU D 198 -16.35 11.57 -21.84
N ASP D 199 -15.99 10.55 -22.60
CA ASP D 199 -16.44 10.34 -23.98
C ASP D 199 -16.44 11.58 -24.87
N GLY D 200 -15.40 12.42 -24.78
CA GLY D 200 -15.34 13.64 -25.59
C GLY D 200 -16.13 14.82 -25.02
N GLN D 201 -16.98 14.58 -24.03
CA GLN D 201 -17.78 15.60 -23.44
C GLN D 201 -17.05 16.22 -22.25
N ARG D 202 -16.85 17.53 -22.21
CA ARG D 202 -16.35 18.20 -21.02
C ARG D 202 -17.27 17.99 -19.82
N LEU D 203 -16.89 17.36 -18.72
CA LEU D 203 -17.80 17.14 -17.59
C LEU D 203 -18.10 18.38 -16.73
N PRO D 204 -19.28 18.53 -16.08
CA PRO D 204 -19.59 19.65 -15.23
C PRO D 204 -18.86 19.53 -13.90
N PRO D 205 -18.72 20.60 -13.14
CA PRO D 205 -17.93 20.64 -11.91
C PRO D 205 -18.18 19.64 -10.81
N GLN D 206 -19.34 19.06 -10.77
CA GLN D 206 -19.62 18.12 -9.72
C GLN D 206 -19.52 16.71 -10.26
N GLY D 207 -18.98 16.63 -11.47
CA GLY D 207 -18.74 15.39 -12.16
C GLY D 207 -19.87 14.93 -13.04
N TYR D 208 -20.34 13.77 -12.63
CA TYR D 208 -21.38 12.97 -13.26
C TYR D 208 -20.82 12.27 -14.50
N ALA D 209 -21.35 11.07 -14.43
CA ALA D 209 -21.22 10.02 -15.41
C ALA D 209 -21.87 10.13 -16.78
C1 GAR E . -20.78 12.13 -42.41
O6 GAR E . -19.68 11.32 -41.95
C2 GAR E . -20.64 12.75 -43.81
O8 GAR E . -19.31 12.80 -44.29
C3 GAR E . -21.45 11.84 -44.75
O4 GAR E . -22.48 11.43 -43.88
C5 GAR E . -21.97 11.23 -42.57
C10 GAR E . -23.02 11.62 -41.52
O12 GAR E . -22.49 11.48 -40.19
N19 GAR E . -22.05 12.51 -45.95
C21 GAR E . -22.45 11.90 -47.09
O22 GAR E . -22.24 10.71 -47.29
C23 GAR E . -23.11 12.77 -48.22
N24 GAR E . -22.32 13.16 -49.43
P15 GAR E . -23.37 11.80 -38.96
O16 GAR E . -23.22 13.38 -38.93
O17 GAR E . -22.75 11.15 -37.64
O18 GAR E . -24.69 11.38 -39.12
N1 DZF F . -27.39 18.08 -54.01
C2 DZF F . -26.80 18.84 -54.97
NA2 DZF F . -27.51 19.30 -55.94
N3 DZF F . -25.50 18.99 -55.04
C4 DZF F . -24.73 18.40 -54.16
O4 DZF F . -23.52 18.55 -54.33
C4A DZF F . -25.32 17.62 -53.12
C5 DZF F . -24.49 17.15 -52.03
C6 DZF F . -25.12 16.01 -51.27
C7 DZF F . -26.61 16.17 -51.00
N8 DZF F . -27.30 16.72 -52.20
C8A DZF F . -26.68 17.47 -53.08
C9 DZF F . -24.74 14.76 -52.04
N10 DZF F . -25.15 13.72 -51.13
C11 DZF F . -27.56 10.58 -52.18
C12 DZF F . -27.03 11.41 -53.17
C13 DZF F . -26.14 12.41 -52.87
C14 DZF F . -25.75 12.60 -51.56
C15 DZF F . -26.26 11.77 -50.57
C16 DZF F . -27.16 10.77 -50.87
C DZF F . -28.47 9.50 -52.48
O DZF F . -29.08 8.81 -51.67
N DZF F . -28.66 9.31 -53.77
CA DZF F . -29.49 8.26 -54.40
CB DZF F . -31.03 8.52 -54.13
CG DZF F . -31.83 9.70 -54.79
CD DZF F . -31.73 11.00 -54.02
OE1 DZF F . -32.68 11.77 -53.90
OE2 DZF F . -30.51 11.35 -53.57
CT DZF F . -29.14 8.30 -55.91
O1 DZF F . -29.81 7.83 -56.83
O2 DZF F . -27.90 8.86 -56.18
C1 GAR G . 12.86 -4.27 40.74
O6 GAR G . 14.07 -5.00 41.01
C2 GAR G . 12.81 -3.50 39.40
O8 GAR G . 14.08 -3.27 38.82
C3 GAR G . 12.02 -4.39 38.44
O4 GAR G . 11.11 -5.00 39.34
C5 GAR G . 11.75 -5.26 40.59
C10 GAR G . 10.76 -5.08 41.75
O12 GAR G . 11.42 -5.29 43.00
N19 GAR G . 11.25 -3.69 37.37
C21 GAR G . 10.81 -4.21 36.21
O22 GAR G . 11.11 -5.35 35.87
C23 GAR G . 9.98 -3.32 35.24
N24 GAR G . 10.61 -2.72 34.01
P15 GAR G . 10.63 -5.18 44.33
O16 GAR G . 10.64 -3.61 44.51
O17 GAR G . 11.42 -5.89 45.52
O18 GAR G . 9.35 -5.72 44.24
N1 DZF H . 4.71 2.06 30.38
C2 DZF H . 5.15 2.97 29.46
NA2 DZF H . 4.31 3.45 28.60
N3 DZF H . 6.41 3.25 29.31
C4 DZF H . 7.32 2.66 30.06
O4 DZF H . 8.48 2.95 29.80
C4A DZF H . 6.89 1.73 31.06
C5 DZF H . 7.85 1.25 32.02
C6 DZF H . 7.41 -0.01 32.71
C7 DZF H . 5.94 -0.03 33.10
N8 DZF H . 5.10 0.56 32.03
C8A DZF H . 5.56 1.45 31.18
C9 DZF H . 7.82 -1.14 31.77
N10 DZF H . 7.60 -2.31 32.61
C11 DZF H . 5.42 -5.55 31.43
C12 DZF H . 5.76 -4.58 30.49
C13 DZF H . 6.59 -3.53 30.82
C14 DZF H . 7.07 -3.43 32.12
C15 DZF H . 6.73 -4.39 33.06
C16 DZF H . 5.90 -5.45 32.72
C DZF H . 4.58 -6.69 31.09
O DZF H . 4.11 -7.51 31.88
N DZF H . 4.30 -6.78 29.81
CA DZF H . 3.52 -7.84 29.14
CB DZF H . 1.97 -7.77 29.55
CG DZF H . 1.02 -6.62 29.09
CD DZF H . 1.07 -5.38 29.97
OE1 DZF H . 0.07 -4.73 30.25
OE2 DZF H . 2.29 -4.96 30.37
CT DZF H . 3.73 -7.61 27.62
O1 DZF H . 3.01 -8.06 26.72
O2 DZF H . 4.87 -6.92 27.31
C1 GAR I . 16.17 -30.19 16.96
O6 GAR I . 14.85 -30.21 17.53
C2 GAR I . 16.56 -28.96 16.12
O8 GAR I . 15.45 -28.21 15.67
C3 GAR I . 17.38 -28.06 17.06
O4 GAR I . 18.03 -29.04 17.85
C5 GAR I . 17.16 -30.13 18.10
C10 GAR I . 17.94 -31.45 18.15
O12 GAR I . 17.06 -32.56 18.35
N19 GAR I . 18.41 -27.20 16.39
C21 GAR I . 18.97 -26.08 16.89
O22 GAR I . 18.58 -25.59 17.96
C23 GAR I . 20.06 -25.34 16.06
N24 GAR I . 19.73 -24.08 15.31
P15 GAR I . 17.61 -34.00 18.44
O16 GAR I . 17.80 -34.32 16.92
O17 GAR I . 16.54 -34.97 19.11
O18 GAR I . 18.82 -34.07 19.16
N1 DZF J . 26.75 -21.91 11.20
C2 DZF J . 26.60 -21.02 10.18
NA2 DZF J . 27.63 -20.35 9.76
N3 DZF J . 25.44 -20.70 9.70
C4 DZF J . 24.35 -21.24 10.20
O4 DZF J . 23.28 -20.81 9.72
C4A DZF J . 24.46 -22.19 11.25
C5 DZF J . 23.29 -22.94 11.65
C6 DZF J . 23.43 -23.57 13.01
C7 DZF J . 24.81 -24.19 13.27
N8 DZF J . 25.89 -23.32 12.74
C8A DZF J . 25.70 -22.50 11.74
C9 DZF J . 23.05 -22.48 13.99
N10 DZF J . 22.97 -23.22 15.24
C11 DZF J . 24.87 -22.13 18.68
C12 DZF J . 24.82 -21.23 17.61
C13 DZF J . 24.09 -21.52 16.47
C14 DZF J . 23.41 -22.73 16.40
C15 DZF J . 23.46 -23.62 17.46
C16 DZF J . 24.18 -23.32 18.60
C DZF J . 25.58 -21.82 19.90
O DZF J . 25.81 -22.58 20.83
N DZF J . 26.08 -20.59 19.94
CA DZF J . 26.81 -19.97 21.06
CB DZF J . 28.25 -20.62 21.24
CG DZF J . 29.42 -20.42 20.21
CD DZF J . 29.39 -21.40 19.05
OE1 DZF J . 30.40 -21.88 18.58
OE2 DZF J . 28.18 -21.63 18.48
CT DZF J . 26.89 -18.45 20.70
O1 DZF J . 27.68 -17.64 21.18
O2 DZF J . 25.92 -18.03 19.82
C1 GAR K . -10.91 6.26 2.09
O6 GAR K . -12.18 6.05 2.72
C2 GAR K . -10.68 7.61 1.39
O8 GAR K . -11.88 8.30 1.10
C3 GAR K . -9.88 8.46 2.38
O4 GAR K . -9.09 7.47 3.01
C5 GAR K . -9.85 6.27 3.18
C10 GAR K . -8.96 5.04 3.02
O12 GAR K . -9.73 3.83 3.12
N19 GAR K . -8.97 9.48 1.77
C21 GAR K . -8.47 10.58 2.37
O22 GAR K . -8.83 10.91 3.51
C23 GAR K . -7.50 11.52 1.59
N24 GAR K . -7.99 12.81 1.01
P15 GAR K . -9.06 2.44 3.01
O16 GAR K . -8.95 2.33 1.43
O17 GAR K . -10.00 1.31 3.61
O18 GAR K . -7.81 2.41 3.64
N1 DZF L . -1.46 16.09 -3.18
C2 DZF L . -1.75 17.08 -4.07
NA2 DZF L . -0.81 17.88 -4.46
N3 DZF L . -2.96 17.35 -4.44
C4 DZF L . -3.97 16.66 -3.95
O4 DZF L . -5.09 17.04 -4.31
C4A DZF L . -3.71 15.60 -3.03
C5 DZF L . -4.78 14.70 -2.67
C6 DZF L . -4.49 13.93 -1.40
C7 DZF L . -3.06 13.41 -1.30
N8 DZF L . -2.09 14.43 -1.78
C8A DZF L . -2.41 15.34 -2.66
C9 DZF L . -4.90 14.86 -0.28
N10 DZF L . -4.84 13.96 0.87
C11 DZF L . -2.81 14.82 4.31
C12 DZF L . -3.01 15.83 3.36
C13 DZF L . -3.78 15.62 2.24
C14 DZF L . -4.36 14.36 2.06
C15 DZF L . -4.17 13.37 3.00
C16 DZF L . -3.40 13.59 4.11
C DZF L . -2.04 15.05 5.52
O DZF L . -1.70 14.19 6.34
N DZF L . -1.66 16.30 5.68
CA DZF L . -0.91 16.85 6.82
CB DZF L . 0.59 16.30 6.85
CG DZF L . 1.66 16.74 5.79
CD DZF L . 1.64 15.91 4.52
OE1 DZF L . 2.66 15.56 3.93
OE2 DZF L . 0.42 15.64 4.00
CT DZF L . -0.97 18.40 6.65
O1 DZF L . -0.23 19.21 7.19
O2 DZF L . -2.03 18.83 5.89
#